data_6D5E
#
_entry.id   6D5E
#
_cell.length_a   183.613
_cell.length_b   183.613
_cell.length_c   179.178
_cell.angle_alpha   90.00
_cell.angle_beta   90.00
_cell.angle_gamma   90.00
#
_symmetry.space_group_name_H-M   'I 4 2 2'
#
loop_
_entity.id
_entity.type
_entity.pdbx_description
1 polymer 'GTPase HRas'
2 polymer 'Son of sevenless homolog 1'
3 polymer 'GTPase HRas'
4 non-polymer 'PHOSPHOAMINOPHOSPHONIC ACID-GUANYLATE ESTER'
5 non-polymer 'MAGNESIUM ION'
6 non-polymer 'CHLORIDE ION'
7 non-polymer 1-[(2S)-1-{6-chloro-1-[(4-fluoro-3,5-dimethylphenyl)methyl]-2-(piperazin-1-yl)-1H-benzimidazol-4-yl}pyrrolidin-2-yl]methanamine
8 non-polymer 'FORMIC ACID'
9 non-polymer GLYCEROL
10 non-polymer 'SODIUM ION'
11 water water
#
loop_
_entity_poly.entity_id
_entity_poly.type
_entity_poly.pdbx_seq_one_letter_code
_entity_poly.pdbx_strand_id
1 'polypeptide(L)'
;GMTEYKLVVVGAGGVGKSALTIQLIQNHFVDEYDPTIEDSYRKQVVIDGET(CSO)LLDILDTAGQEEASAMRDQYMRTG
EGFLCVFAINNTKSFEDIHQYREQIKRVKDSDDVPMVLVGNKCDLAARTVESRQAQDLARSYGIPYIETSAKTRQGVEDA
FYTLVREIRQH
;
A
2 'polypeptide(L)'
;GQMRLPSADVYRFAEPDSEENIIFEENMQPKAGIPIIKAGTVIKLIERLTYHMYADPNFVRTFLTTYRSFCKPQELLSLI
IERFEIPEPEPTEADRIAIENGDQPLSAELKRFRKEYIQPVQLRVLNVCRHWVEHHFYDFERDAYLLQRMEEFIGTVRGK
AMKKWVESITKIIQRKKIARDNGPGHNITFQSSPPTVEWHISRPGHIETFDLLTLHPIEIARQLTLLESDLYRAVQPSEL
VGSVWTKEDKEINSPNLLKMIRHTTNLTLWFEKCIVETENLEERVAVVSRIIEILQVFQELNNFNGVLEVVSAMNSSPVY
RLDHTFEQIPSRQKKILEEAHELSEDHYKKYLAKLRSINPPCVPFFGIYLTNILKTEEGNPEVLKRHGKELINFSKRRKV
AEITGEIQQYQNQPYCLRVESDIKRFFENLNPMGNSMEKEFTDYLFNKSLEIEPRNPKPLPRFPKKYSYPLKSPGVRPSN
PR
;
B
3 'polypeptide(L)'
;GMTEYKLVVVGAGGVGKSALTIQLIQNHFVDEYDPTIEDSYRKQVVIDGETCLLDILDTAGQEEYSAMRDQYMRTGEGFL
CVFAINNTKSFEDIHQYREQIKRVKDSDDVPMVLVGNKCDLAARTVESRQAQDLARSYGIPYIETSAKTRQGVEDAFYTL
VREIRQH
;
C
#
loop_
_chem_comp.id
_chem_comp.type
_chem_comp.name
_chem_comp.formula
CL non-polymer 'CHLORIDE ION' 'Cl -1'
FMT non-polymer 'FORMIC ACID' 'C H2 O2'
FVG non-polymer 1-[(2S)-1-{6-chloro-1-[(4-fluoro-3,5-dimethylphenyl)methyl]-2-(piperazin-1-yl)-1H-benzimidazol-4-yl}pyrrolidin-2-yl]methanamine 'C25 H32 Cl F N6'
GNP non-polymer 'PHOSPHOAMINOPHOSPHONIC ACID-GUANYLATE ESTER' 'C10 H17 N6 O13 P3'
GOL non-polymer GLYCEROL 'C3 H8 O3'
MG non-polymer 'MAGNESIUM ION' 'Mg 2'
NA non-polymer 'SODIUM ION' 'Na 1'
#
# COMPACT_ATOMS: atom_id res chain seq x y z
N MET A 2 16.63 -7.00 -2.97
CA MET A 2 16.42 -6.44 -1.62
C MET A 2 16.52 -7.51 -0.55
N THR A 3 17.56 -7.42 0.28
CA THR A 3 17.67 -8.30 1.44
C THR A 3 16.76 -7.78 2.55
N GLU A 4 16.13 -8.70 3.27
CA GLU A 4 15.29 -8.35 4.40
C GLU A 4 16.06 -8.59 5.70
N TYR A 5 15.96 -7.66 6.64
CA TYR A 5 16.65 -7.74 7.93
C TYR A 5 15.64 -7.66 9.05
N LYS A 6 15.70 -8.60 9.99
CA LYS A 6 14.77 -8.62 11.12
C LYS A 6 15.47 -8.04 12.34
N LEU A 7 15.13 -6.80 12.68
CA LEU A 7 15.73 -6.13 13.83
C LEU A 7 14.74 -6.13 14.99
N VAL A 8 15.27 -6.27 16.21
CA VAL A 8 14.44 -6.27 17.41
C VAL A 8 15.00 -5.24 18.38
N VAL A 9 14.13 -4.39 18.92
CA VAL A 9 14.52 -3.34 19.86
C VAL A 9 14.10 -3.78 21.26
N VAL A 10 15.07 -3.93 22.17
CA VAL A 10 14.80 -4.42 23.53
C VAL A 10 15.40 -3.48 24.56
N GLY A 11 14.93 -3.61 25.80
CA GLY A 11 15.40 -2.77 26.89
C GLY A 11 14.29 -2.49 27.87
N ALA A 12 14.67 -1.89 29.00
CA ALA A 12 13.75 -1.66 30.11
C ALA A 12 12.61 -0.72 29.70
N GLY A 13 11.53 -0.79 30.47
CA GLY A 13 10.39 0.09 30.22
C GLY A 13 10.75 1.55 30.31
N GLY A 14 10.30 2.34 29.32
CA GLY A 14 10.45 3.78 29.35
C GLY A 14 11.76 4.35 28.83
N VAL A 15 12.65 3.51 28.31
CA VAL A 15 13.95 4.02 27.87
C VAL A 15 13.88 4.71 26.52
N GLY A 16 12.80 4.51 25.78
CA GLY A 16 12.62 5.16 24.49
C GLY A 16 12.71 4.25 23.27
N LYS A 17 12.46 2.95 23.43
CA LYS A 17 12.50 2.04 22.29
C LYS A 17 11.49 2.46 21.23
N SER A 18 10.25 2.74 21.66
CA SER A 18 9.22 3.12 20.69
C SER A 18 9.53 4.48 20.08
N ALA A 19 9.95 5.44 20.90
CA ALA A 19 10.27 6.76 20.35
C ALA A 19 11.41 6.67 19.33
N LEU A 20 12.44 5.88 19.63
CA LEU A 20 13.53 5.69 18.66
C LEU A 20 13.00 5.10 17.35
N THR A 21 12.17 4.06 17.45
CA THR A 21 11.65 3.40 16.25
C THR A 21 10.77 4.34 15.43
N ILE A 22 9.86 5.06 16.09
CA ILE A 22 8.96 5.97 15.36
C ILE A 22 9.74 7.15 14.76
N GLN A 23 10.78 7.64 15.44
CA GLN A 23 11.64 8.65 14.84
C GLN A 23 12.28 8.13 13.56
N LEU A 24 12.80 6.90 13.59
CA LEU A 24 13.38 6.31 12.39
C LEU A 24 12.34 6.16 11.28
N ILE A 25 11.14 5.69 11.61
CA ILE A 25 10.16 5.32 10.59
C ILE A 25 9.46 6.55 10.04
N GLN A 26 9.09 7.50 10.91
CA GLN A 26 8.22 8.61 10.56
C GLN A 26 8.84 9.99 10.71
N ASN A 27 10.06 10.09 11.24
CA ASN A 27 10.71 11.38 11.46
C ASN A 27 9.93 12.25 12.44
N HIS A 28 9.29 11.61 13.43
N HIS A 28 9.30 11.64 13.43
CA HIS A 28 8.43 12.27 14.41
CA HIS A 28 8.64 12.48 14.41
C HIS A 28 8.82 11.80 15.81
C HIS A 28 8.77 11.85 15.79
N PHE A 29 8.80 12.71 16.79
CA PHE A 29 9.08 12.35 18.17
C PHE A 29 7.79 12.21 18.97
N VAL A 30 7.60 11.07 19.60
CA VAL A 30 6.41 10.78 20.42
C VAL A 30 6.68 11.23 21.84
N ASP A 31 5.91 12.18 22.34
N ASP A 31 5.90 12.20 22.32
CA ASP A 31 6.10 12.63 23.72
CA ASP A 31 6.04 12.69 23.69
C ASP A 31 5.33 11.81 24.73
C ASP A 31 5.34 11.79 24.70
N GLU A 32 4.25 11.15 24.31
CA GLU A 32 3.51 10.28 25.21
C GLU A 32 4.31 9.02 25.52
N TYR A 33 4.02 8.45 26.69
CA TYR A 33 4.60 7.20 27.16
C TYR A 33 3.44 6.20 27.22
N ASP A 34 3.20 5.51 26.10
CA ASP A 34 2.21 4.44 25.96
C ASP A 34 2.96 3.11 25.96
N PRO A 35 2.97 2.36 27.05
CA PRO A 35 3.78 1.13 27.10
C PRO A 35 3.38 0.14 26.01
N THR A 36 4.39 -0.39 25.34
CA THR A 36 4.20 -1.29 24.22
C THR A 36 3.92 -2.70 24.69
N ILE A 37 3.11 -3.43 23.91
CA ILE A 37 2.99 -4.87 24.09
C ILE A 37 3.84 -5.54 23.02
N GLU A 38 3.51 -5.33 21.75
CA GLU A 38 4.43 -5.65 20.65
C GLU A 38 3.95 -4.96 19.39
N ASP A 39 4.84 -4.20 18.74
CA ASP A 39 4.53 -3.48 17.52
C ASP A 39 5.57 -3.86 16.48
N SER A 40 5.20 -3.71 15.22
N SER A 40 5.21 -3.75 15.22
CA SER A 40 6.07 -4.05 14.10
CA SER A 40 6.17 -4.03 14.16
C SER A 40 6.06 -2.91 13.09
C SER A 40 6.06 -2.98 13.07
N TYR A 41 7.21 -2.68 12.45
CA TYR A 41 7.33 -1.65 11.43
C TYR A 41 8.18 -2.17 10.28
N ARG A 42 8.00 -1.58 9.10
CA ARG A 42 8.86 -1.89 7.96
C ARG A 42 9.42 -0.61 7.36
N LYS A 43 10.64 -0.69 6.85
CA LYS A 43 11.29 0.47 6.24
C LYS A 43 12.20 0.01 5.11
N GLN A 44 11.94 0.49 3.89
CA GLN A 44 12.87 0.33 2.78
C GLN A 44 13.89 1.47 2.83
N VAL A 45 15.18 1.12 2.77
CA VAL A 45 16.22 2.14 2.90
C VAL A 45 17.50 1.62 2.23
N VAL A 46 18.25 2.54 1.64
CA VAL A 46 19.55 2.20 1.04
C VAL A 46 20.63 2.41 2.08
N ILE A 47 21.38 1.36 2.39
CA ILE A 47 22.46 1.42 3.37
C ILE A 47 23.72 0.94 2.67
N ASP A 48 24.77 1.77 2.67
CA ASP A 48 26.02 1.45 1.99
C ASP A 48 25.77 1.00 0.55
N GLY A 49 24.88 1.73 -0.14
CA GLY A 49 24.59 1.50 -1.54
C GLY A 49 23.71 0.31 -1.86
N GLU A 50 23.20 -0.40 -0.86
N GLU A 50 23.24 -0.42 -0.85
CA GLU A 50 22.42 -1.61 -1.08
CA GLU A 50 22.40 -1.59 -1.04
C GLU A 50 21.03 -1.43 -0.47
C GLU A 50 21.02 -1.30 -0.48
N THR A 51 19.99 -1.58 -1.28
CA THR A 51 18.63 -1.39 -0.80
C THR A 51 18.25 -2.55 0.10
N CSO A 52 17.75 -2.26 1.29
CA CSO A 52 17.08 -3.36 1.99
CB CSO A 52 17.96 -3.96 3.04
SG CSO A 52 18.51 -2.61 4.03
C CSO A 52 15.79 -2.98 2.64
O CSO A 52 15.36 -1.83 2.62
OD CSO A 52 20.20 -2.54 3.51
N LEU A 53 15.19 -4.00 3.22
CA LEU A 53 13.91 -3.89 3.87
C LEU A 53 14.12 -4.24 5.31
N LEU A 54 13.93 -3.28 6.21
CA LEU A 54 14.05 -3.54 7.62
C LEU A 54 12.69 -3.91 8.18
N ASP A 55 12.60 -5.04 8.87
CA ASP A 55 11.45 -5.38 9.70
C ASP A 55 11.88 -5.10 11.13
N ILE A 56 11.20 -4.17 11.80
CA ILE A 56 11.62 -3.75 13.14
C ILE A 56 10.54 -4.17 14.13
N LEU A 57 10.93 -4.99 15.10
CA LEU A 57 10.03 -5.41 16.17
C LEU A 57 10.31 -4.55 17.39
N ASP A 58 9.27 -3.87 17.87
CA ASP A 58 9.35 -2.99 19.03
C ASP A 58 8.70 -3.72 20.20
N THR A 59 9.48 -4.01 21.25
CA THR A 59 9.05 -4.98 22.26
C THR A 59 8.65 -4.29 23.56
N ALA A 60 8.08 -5.07 24.47
CA ALA A 60 7.60 -4.57 25.75
C ALA A 60 8.75 -4.54 26.77
N GLY A 61 8.97 -3.37 27.36
CA GLY A 61 9.93 -3.23 28.44
C GLY A 61 9.36 -3.46 29.83
N GLN A 62 8.05 -3.31 30.02
CA GLN A 62 7.48 -3.46 31.35
C GLN A 62 7.69 -4.88 31.86
N GLU A 63 8.00 -5.01 33.15
CA GLU A 63 8.34 -6.31 33.71
C GLU A 63 7.17 -7.30 33.64
N GLU A 64 5.94 -6.80 33.59
CA GLU A 64 4.79 -7.70 33.52
C GLU A 64 4.78 -8.53 32.24
N ALA A 65 5.53 -8.13 31.20
CA ALA A 65 5.62 -8.89 29.97
C ALA A 65 6.90 -9.73 29.89
N SER A 66 7.63 -9.88 30.99
CA SER A 66 8.98 -10.44 30.94
C SER A 66 9.01 -11.93 30.61
N ALA A 67 7.89 -12.64 30.72
CA ALA A 67 7.85 -14.07 30.41
C ALA A 67 7.52 -14.36 28.95
N MET A 68 7.39 -13.33 28.11
CA MET A 68 6.95 -13.50 26.73
C MET A 68 8.03 -13.17 25.71
N ARG A 69 9.31 -13.22 26.11
CA ARG A 69 10.39 -12.73 25.26
C ARG A 69 10.99 -13.78 24.34
N ASP A 70 11.05 -15.05 24.76
CA ASP A 70 11.70 -16.06 23.93
C ASP A 70 11.16 -16.02 22.51
N GLN A 71 9.84 -15.84 22.36
CA GLN A 71 9.22 -15.95 21.05
C GLN A 71 9.75 -14.90 20.08
N TYR A 72 10.00 -13.69 20.54
CA TYR A 72 10.54 -12.70 19.60
C TYR A 72 12.06 -12.80 19.47
N MET A 73 12.76 -13.31 20.48
CA MET A 73 14.20 -13.45 20.34
C MET A 73 14.57 -14.54 19.35
N ARG A 74 13.71 -15.56 19.22
CA ARG A 74 13.99 -16.62 18.25
C ARG A 74 14.00 -16.08 16.82
N THR A 75 13.10 -15.14 16.52
CA THR A 75 12.96 -14.68 15.14
C THR A 75 13.95 -13.58 14.78
N GLY A 76 14.43 -12.81 15.74
CA GLY A 76 15.24 -11.65 15.41
C GLY A 76 16.62 -12.03 14.89
N GLU A 77 17.10 -11.25 13.92
N GLU A 77 17.12 -11.23 13.95
CA GLU A 77 18.46 -11.42 13.45
CA GLU A 77 18.47 -11.43 13.42
C GLU A 77 19.45 -10.58 14.23
C GLU A 77 19.49 -10.50 14.05
N GLY A 78 19.05 -9.40 14.65
CA GLY A 78 19.94 -8.49 15.36
C GLY A 78 19.13 -7.68 16.36
N PHE A 79 19.79 -7.22 17.42
CA PHE A 79 19.09 -6.61 18.53
C PHE A 79 19.70 -5.26 18.88
N LEU A 80 18.86 -4.23 18.99
CA LEU A 80 19.26 -2.96 19.59
C LEU A 80 18.96 -3.07 21.07
N CYS A 81 19.98 -3.01 21.91
CA CYS A 81 19.83 -3.14 23.35
C CYS A 81 19.88 -1.73 23.93
N VAL A 82 18.73 -1.22 24.36
CA VAL A 82 18.57 0.20 24.64
C VAL A 82 18.47 0.40 26.15
N PHE A 83 19.19 1.40 26.65
CA PHE A 83 18.97 1.92 28.00
C PHE A 83 18.91 3.43 27.87
N ALA A 84 18.56 4.11 28.97
CA ALA A 84 18.49 5.57 28.99
C ALA A 84 19.63 6.09 29.86
N ILE A 85 20.33 7.12 29.36
CA ILE A 85 21.53 7.57 30.05
C ILE A 85 21.23 8.32 31.34
N ASN A 86 19.95 8.57 31.64
CA ASN A 86 19.55 9.14 32.91
C ASN A 86 18.87 8.12 33.83
N ASN A 87 19.01 6.83 33.55
N ASN A 87 19.04 6.83 33.55
CA ASN A 87 18.37 5.79 34.36
CA ASN A 87 18.35 5.76 34.28
C ASN A 87 19.35 4.65 34.57
C ASN A 87 19.36 4.62 34.50
N THR A 88 20.02 4.66 35.73
N THR A 88 20.02 4.64 35.66
CA THR A 88 21.05 3.65 36.00
CA THR A 88 21.06 3.63 35.92
C THR A 88 20.46 2.24 36.02
C THR A 88 20.46 2.23 36.02
N LYS A 89 19.23 2.11 36.53
CA LYS A 89 18.60 0.79 36.57
C LYS A 89 18.43 0.21 35.17
N SER A 90 18.08 1.06 34.19
CA SER A 90 17.93 0.54 32.83
C SER A 90 19.26 0.07 32.26
N PHE A 91 20.36 0.70 32.66
CA PHE A 91 21.66 0.21 32.23
C PHE A 91 22.00 -1.13 32.89
N GLU A 92 21.64 -1.28 34.17
CA GLU A 92 21.89 -2.57 34.84
C GLU A 92 21.02 -3.69 34.25
N ASP A 93 19.87 -3.35 33.68
CA ASP A 93 19.01 -4.35 33.05
C ASP A 93 19.57 -4.86 31.72
N ILE A 94 20.57 -4.17 31.13
CA ILE A 94 21.07 -4.57 29.81
C ILE A 94 21.61 -5.98 29.84
N HIS A 95 22.37 -6.34 30.88
CA HIS A 95 23.03 -7.63 30.86
C HIS A 95 22.02 -8.77 30.87
N GLN A 96 20.86 -8.56 31.50
N GLN A 96 20.85 -8.55 31.48
CA GLN A 96 19.81 -9.57 31.47
CA GLN A 96 19.81 -9.57 31.49
C GLN A 96 19.33 -9.82 30.05
C GLN A 96 19.25 -9.82 30.08
N TYR A 97 19.09 -8.75 29.30
CA TYR A 97 18.65 -8.91 27.91
C TYR A 97 19.73 -9.60 27.08
N ARG A 98 20.98 -9.18 27.25
CA ARG A 98 22.09 -9.79 26.52
C ARG A 98 22.16 -11.30 26.79
N GLU A 99 22.02 -11.69 28.06
CA GLU A 99 22.16 -13.10 28.39
C GLU A 99 20.98 -13.90 27.87
N GLN A 100 19.78 -13.33 27.91
CA GLN A 100 18.62 -14.08 27.42
C GLN A 100 18.68 -14.27 25.92
N ILE A 101 19.13 -13.25 25.18
CA ILE A 101 19.27 -13.37 23.74
C ILE A 101 20.25 -14.49 23.40
N LYS A 102 21.40 -14.51 24.10
CA LYS A 102 22.40 -15.54 23.85
C LYS A 102 21.86 -16.93 24.14
N ARG A 103 21.10 -17.08 25.24
N ARG A 103 21.08 -17.08 25.22
CA ARG A 103 20.53 -18.38 25.56
CA ARG A 103 20.55 -18.41 25.54
C ARG A 103 19.53 -18.84 24.50
C ARG A 103 19.53 -18.85 24.49
N VAL A 104 18.59 -17.96 24.14
CA VAL A 104 17.54 -18.33 23.20
C VAL A 104 18.12 -18.66 21.84
N LYS A 105 19.04 -17.85 21.35
CA LYS A 105 19.63 -18.13 20.04
C LYS A 105 20.78 -19.11 20.12
N ASP A 106 21.09 -19.62 21.31
CA ASP A 106 22.19 -20.56 21.54
C ASP A 106 23.44 -20.12 20.78
N SER A 107 23.84 -18.88 21.02
CA SER A 107 24.97 -18.31 20.29
C SER A 107 25.64 -17.23 21.12
N ASP A 108 26.97 -17.21 21.08
CA ASP A 108 27.77 -16.15 21.68
C ASP A 108 28.02 -15.00 20.71
N ASP A 109 27.51 -15.09 19.48
CA ASP A 109 27.88 -14.20 18.40
C ASP A 109 26.63 -13.66 17.69
N VAL A 110 25.74 -13.04 18.45
CA VAL A 110 24.49 -12.49 17.93
C VAL A 110 24.72 -11.02 17.58
N PRO A 111 24.36 -10.56 16.38
CA PRO A 111 24.50 -9.13 16.07
C PRO A 111 23.72 -8.26 17.05
N MET A 112 24.41 -7.30 17.66
CA MET A 112 23.81 -6.40 18.65
C MET A 112 24.50 -5.06 18.59
N VAL A 113 23.76 -4.01 18.99
CA VAL A 113 24.31 -2.69 19.23
C VAL A 113 23.79 -2.23 20.59
N LEU A 114 24.68 -1.67 21.42
CA LEU A 114 24.30 -1.05 22.68
C LEU A 114 23.93 0.41 22.44
N VAL A 115 22.73 0.81 22.88
CA VAL A 115 22.22 2.16 22.61
C VAL A 115 21.96 2.85 23.94
N GLY A 116 22.60 4.00 24.13
CA GLY A 116 22.31 4.87 25.26
C GLY A 116 21.45 6.03 24.81
N ASN A 117 20.15 5.97 25.12
CA ASN A 117 19.17 6.92 24.59
C ASN A 117 18.94 8.08 25.56
N LYS A 118 18.23 9.11 25.06
CA LYS A 118 17.91 10.34 25.77
C LYS A 118 19.16 11.21 25.97
N CYS A 119 20.07 11.21 24.99
CA CYS A 119 21.31 11.95 25.15
C CYS A 119 21.11 13.46 24.99
N ASP A 120 19.87 13.90 24.71
CA ASP A 120 19.54 15.32 24.72
C ASP A 120 19.39 15.87 26.13
N LEU A 121 19.24 15.00 27.13
CA LEU A 121 19.04 15.43 28.51
C LEU A 121 20.38 15.69 29.19
N ALA A 122 20.46 16.80 29.92
CA ALA A 122 21.73 17.17 30.56
C ALA A 122 22.04 16.31 31.77
N ALA A 123 21.01 15.83 32.47
CA ALA A 123 21.19 15.16 33.77
C ALA A 123 21.51 13.68 33.57
N ARG A 124 22.71 13.44 33.06
CA ARG A 124 23.19 12.07 32.82
C ARG A 124 23.55 11.39 34.12
N THR A 125 23.18 10.10 34.26
CA THR A 125 23.63 9.29 35.40
C THR A 125 24.46 8.07 35.00
N VAL A 126 24.49 7.70 33.72
CA VAL A 126 25.36 6.64 33.21
C VAL A 126 26.42 7.31 32.35
N GLU A 127 27.68 7.18 32.74
CA GLU A 127 28.75 7.80 31.97
C GLU A 127 29.04 6.99 30.71
N SER A 128 29.40 7.69 29.62
CA SER A 128 29.69 7.03 28.35
C SER A 128 30.75 5.95 28.52
N ARG A 129 31.77 6.21 29.35
CA ARG A 129 32.85 5.26 29.54
C ARG A 129 32.35 3.93 30.11
N GLN A 130 31.46 3.98 31.09
CA GLN A 130 30.93 2.74 31.66
C GLN A 130 30.17 1.94 30.61
N ALA A 131 29.36 2.61 29.79
CA ALA A 131 28.66 1.91 28.73
C ALA A 131 29.62 1.39 27.67
N GLN A 132 30.62 2.18 27.31
CA GLN A 132 31.58 1.73 26.30
C GLN A 132 32.36 0.52 26.79
N ASP A 133 32.73 0.50 28.08
CA ASP A 133 33.41 -0.67 28.63
C ASP A 133 32.55 -1.92 28.48
N LEU A 134 31.24 -1.80 28.79
CA LEU A 134 30.34 -2.93 28.65
C LEU A 134 30.25 -3.38 27.19
N ALA A 135 30.08 -2.43 26.27
CA ALA A 135 30.03 -2.78 24.85
C ALA A 135 31.28 -3.52 24.40
N ARG A 136 32.47 -3.05 24.81
CA ARG A 136 33.69 -3.75 24.42
C ARG A 136 33.70 -5.17 24.95
N SER A 137 33.21 -5.37 26.17
CA SER A 137 33.16 -6.72 26.75
C SER A 137 32.22 -7.64 25.96
N TYR A 138 31.23 -7.06 25.26
CA TYR A 138 30.34 -7.81 24.41
C TYR A 138 30.83 -7.90 22.97
N GLY A 139 31.86 -7.14 22.61
CA GLY A 139 32.31 -7.09 21.23
C GLY A 139 31.42 -6.30 20.29
N ILE A 140 30.68 -5.31 20.80
CA ILE A 140 29.68 -4.62 19.99
C ILE A 140 29.88 -3.11 20.11
N PRO A 141 29.37 -2.34 19.14
CA PRO A 141 29.51 -0.88 19.24
C PRO A 141 28.50 -0.29 20.21
N TYR A 142 28.83 0.92 20.67
CA TYR A 142 27.97 1.69 21.56
C TYR A 142 27.65 3.01 20.87
N ILE A 143 26.37 3.32 20.76
CA ILE A 143 25.92 4.52 20.07
C ILE A 143 24.95 5.26 20.97
N GLU A 144 25.22 6.54 21.24
CA GLU A 144 24.29 7.35 22.02
C GLU A 144 23.33 8.05 21.08
N THR A 145 22.06 8.10 21.49
CA THR A 145 20.98 8.54 20.62
C THR A 145 20.06 9.50 21.36
N SER A 146 19.31 10.27 20.58
CA SER A 146 18.17 11.00 21.09
C SER A 146 17.00 10.80 20.13
N ALA A 147 15.96 10.13 20.59
CA ALA A 147 14.75 10.04 19.78
C ALA A 147 14.13 11.41 19.58
N LYS A 148 14.43 12.35 20.46
CA LYS A 148 13.84 13.69 20.38
C LYS A 148 14.48 14.54 19.29
N THR A 149 15.82 14.53 19.23
CA THR A 149 16.53 15.37 18.26
C THR A 149 16.96 14.65 16.99
N ARG A 150 16.87 13.32 16.94
CA ARG A 150 17.36 12.40 15.92
C ARG A 150 18.84 12.09 16.05
N GLN A 151 19.58 12.74 16.94
CA GLN A 151 21.01 12.45 17.09
C GLN A 151 21.24 10.95 17.20
N GLY A 152 22.06 10.41 16.31
CA GLY A 152 22.50 9.02 16.38
C GLY A 152 21.48 7.96 16.00
N VAL A 153 20.24 8.34 15.65
CA VAL A 153 19.19 7.34 15.46
C VAL A 153 19.48 6.47 14.24
N GLU A 154 19.77 7.10 13.09
CA GLU A 154 20.11 6.32 11.91
C GLU A 154 21.37 5.50 12.14
N ASP A 155 22.36 6.10 12.82
CA ASP A 155 23.61 5.40 13.09
C ASP A 155 23.36 4.12 13.88
N ALA A 156 22.50 4.17 14.89
CA ALA A 156 22.23 2.98 15.69
C ALA A 156 21.61 1.87 14.84
N PHE A 157 20.51 2.18 14.13
CA PHE A 157 19.82 1.14 13.39
C PHE A 157 20.68 0.63 12.23
N TYR A 158 21.36 1.53 11.53
CA TYR A 158 22.07 1.09 10.34
C TYR A 158 23.37 0.40 10.70
N THR A 159 23.96 0.74 11.86
CA THR A 159 25.09 -0.05 12.34
C THR A 159 24.67 -1.48 12.63
N LEU A 160 23.48 -1.67 13.20
CA LEU A 160 22.99 -3.02 13.45
C LEU A 160 22.81 -3.79 12.15
N VAL A 161 22.30 -3.12 11.10
CA VAL A 161 22.18 -3.76 9.80
C VAL A 161 23.55 -4.22 9.30
N ARG A 162 24.56 -3.36 9.41
CA ARG A 162 25.90 -3.74 8.99
C ARG A 162 26.41 -4.95 9.76
N GLU A 163 26.03 -5.08 11.02
N GLU A 163 26.07 -5.03 11.05
CA GLU A 163 26.54 -6.22 11.78
CA GLU A 163 26.47 -6.17 11.86
C GLU A 163 25.81 -7.51 11.46
C GLU A 163 25.86 -7.46 11.31
N ILE A 164 24.55 -7.43 11.01
CA ILE A 164 23.89 -8.60 10.46
C ILE A 164 24.51 -8.96 9.11
N ARG A 165 24.82 -7.94 8.29
N ARG A 165 24.77 -7.94 8.29
CA ARG A 165 25.36 -8.19 6.96
CA ARG A 165 25.38 -8.15 6.98
C ARG A 165 26.75 -8.83 7.03
C ARG A 165 26.70 -8.91 7.11
N GLN A 166 27.53 -8.50 8.06
CA GLN A 166 28.88 -9.04 8.19
C GLN A 166 28.93 -10.33 8.98
N HIS A 167 27.81 -10.73 9.57
CA HIS A 167 27.74 -11.92 10.43
C HIS A 167 27.92 -13.21 9.64
N GLY B 1 5.41 -31.67 30.60
CA GLY B 1 4.33 -31.82 29.65
C GLY B 1 3.63 -30.51 29.33
N GLN B 2 2.74 -30.52 28.35
CA GLN B 2 2.00 -29.32 28.02
C GLN B 2 1.03 -28.97 29.15
N MET B 3 0.69 -27.68 29.21
CA MET B 3 -0.34 -27.25 30.14
C MET B 3 -1.67 -27.86 29.74
N ARG B 4 -2.46 -28.21 30.74
CA ARG B 4 -3.84 -28.53 30.46
C ARG B 4 -4.63 -27.26 30.20
N LEU B 5 -5.76 -27.41 29.51
CA LEU B 5 -6.57 -26.30 29.06
C LEU B 5 -7.95 -26.36 29.70
N PRO B 6 -8.69 -25.25 29.71
CA PRO B 6 -10.09 -25.32 30.13
C PRO B 6 -10.85 -26.27 29.22
N SER B 7 -11.94 -26.80 29.75
CA SER B 7 -12.84 -27.61 28.94
C SER B 7 -13.42 -26.78 27.80
N ALA B 8 -13.42 -27.35 26.59
CA ALA B 8 -13.96 -26.65 25.44
C ALA B 8 -15.44 -26.33 25.61
N ASP B 9 -16.12 -26.98 26.56
CA ASP B 9 -17.52 -26.68 26.84
C ASP B 9 -17.70 -25.34 27.54
N VAL B 10 -16.76 -24.94 28.40
CA VAL B 10 -16.86 -23.65 29.09
C VAL B 10 -16.02 -22.57 28.42
N TYR B 11 -15.10 -22.93 27.54
CA TYR B 11 -14.20 -21.96 26.91
C TYR B 11 -13.97 -22.41 25.48
N ARG B 12 -14.59 -21.69 24.52
CA ARG B 12 -14.64 -22.21 23.16
C ARG B 12 -13.28 -22.28 22.47
N PHE B 13 -12.29 -21.53 22.95
CA PHE B 13 -11.01 -21.42 22.26
C PHE B 13 -10.02 -22.52 22.64
N ALA B 14 -10.50 -23.58 23.31
CA ALA B 14 -9.65 -24.72 23.64
C ALA B 14 -9.99 -25.95 22.81
N GLU B 15 -10.85 -25.84 21.82
CA GLU B 15 -11.08 -26.95 20.91
C GLU B 15 -9.76 -27.34 20.23
N PRO B 16 -9.48 -28.63 20.07
CA PRO B 16 -8.25 -29.01 19.38
C PRO B 16 -8.27 -28.59 17.92
N ASP B 17 -7.10 -28.22 17.42
CA ASP B 17 -6.95 -27.99 15.98
C ASP B 17 -7.31 -29.25 15.21
N SER B 18 -8.04 -29.08 14.12
CA SER B 18 -8.30 -30.16 13.18
C SER B 18 -8.49 -29.55 11.80
N GLU B 19 -8.43 -30.40 10.78
CA GLU B 19 -8.70 -29.91 9.43
C GLU B 19 -10.14 -29.45 9.24
N GLU B 20 -11.04 -29.73 10.19
CA GLU B 20 -12.38 -29.19 10.12
C GLU B 20 -12.48 -27.77 10.66
N ASN B 21 -11.41 -27.23 11.29
CA ASN B 21 -11.49 -25.87 11.79
C ASN B 21 -10.27 -24.99 11.51
N ILE B 22 -9.16 -25.54 11.04
CA ILE B 22 -8.00 -24.71 10.67
C ILE B 22 -7.14 -25.49 9.68
N ILE B 23 -6.64 -24.78 8.67
CA ILE B 23 -5.74 -25.35 7.68
C ILE B 23 -4.52 -24.45 7.57
N PHE B 24 -3.33 -25.03 7.64
CA PHE B 24 -2.10 -24.27 7.57
C PHE B 24 -1.48 -24.36 6.19
N GLU B 25 -0.75 -23.31 5.81
CA GLU B 25 0.07 -23.41 4.61
C GLU B 25 1.24 -24.35 4.84
N GLU B 26 1.75 -24.90 3.75
CA GLU B 26 2.93 -25.77 3.82
C GLU B 26 4.20 -24.95 4.04
N GLY B 33 9.66 -19.02 12.72
CA GLY B 33 9.17 -20.32 12.33
C GLY B 33 7.76 -20.60 12.83
N ILE B 34 6.91 -19.58 12.78
CA ILE B 34 5.53 -19.72 13.24
C ILE B 34 4.66 -20.18 12.07
N PRO B 35 3.57 -20.89 12.33
CA PRO B 35 2.73 -21.37 11.23
C PRO B 35 2.02 -20.24 10.51
N ILE B 36 1.70 -20.48 9.25
CA ILE B 36 0.97 -19.54 8.41
C ILE B 36 -0.39 -20.15 8.10
N ILE B 37 -1.46 -19.40 8.38
CA ILE B 37 -2.82 -19.95 8.31
C ILE B 37 -3.36 -19.74 6.90
N LYS B 38 -3.80 -20.84 6.29
CA LYS B 38 -4.50 -20.78 5.01
C LYS B 38 -5.98 -20.49 5.20
N ALA B 39 -6.62 -21.15 6.15
CA ALA B 39 -8.07 -21.03 6.32
C ALA B 39 -8.41 -21.47 7.74
N GLY B 40 -9.57 -21.00 8.22
CA GLY B 40 -10.01 -21.46 9.53
C GLY B 40 -11.36 -20.87 9.87
N THR B 41 -11.97 -21.43 10.92
CA THR B 41 -13.16 -20.79 11.48
C THR B 41 -12.77 -19.48 12.14
N VAL B 42 -13.77 -18.61 12.33
CA VAL B 42 -13.47 -17.33 12.99
C VAL B 42 -12.92 -17.56 14.39
N ILE B 43 -13.45 -18.58 15.10
CA ILE B 43 -12.94 -18.91 16.44
C ILE B 43 -11.46 -19.27 16.40
N LYS B 44 -11.05 -20.06 15.40
CA LYS B 44 -9.64 -20.44 15.32
C LYS B 44 -8.76 -19.26 14.90
N LEU B 45 -9.26 -18.40 14.01
CA LEU B 45 -8.50 -17.22 13.64
C LEU B 45 -8.26 -16.33 14.87
N ILE B 46 -9.28 -16.17 15.71
CA ILE B 46 -9.10 -15.31 16.88
C ILE B 46 -8.19 -15.97 17.91
N GLU B 47 -8.27 -17.30 18.06
CA GLU B 47 -7.33 -18.00 18.92
C GLU B 47 -5.89 -17.75 18.50
N ARG B 48 -5.61 -17.88 17.19
CA ARG B 48 -4.25 -17.70 16.71
C ARG B 48 -3.84 -16.23 16.69
N LEU B 49 -4.80 -15.34 16.56
CA LEU B 49 -4.55 -13.90 16.67
C LEU B 49 -4.00 -13.52 18.03
N THR B 50 -4.33 -14.29 19.04
CA THR B 50 -4.03 -14.00 20.44
C THR B 50 -3.38 -15.21 21.09
N TYR B 51 -2.48 -15.87 20.37
CA TYR B 51 -2.00 -17.19 20.74
C TYR B 51 -1.04 -17.12 21.92
N HIS B 52 -1.10 -18.14 22.81
CA HIS B 52 -0.29 -18.04 24.02
C HIS B 52 1.19 -18.33 23.77
N MET B 53 1.54 -19.00 22.66
CA MET B 53 2.93 -19.43 22.47
C MET B 53 3.79 -18.38 21.77
N TYR B 54 3.20 -17.48 21.00
CA TYR B 54 3.99 -16.52 20.26
C TYR B 54 3.12 -15.33 19.90
N ALA B 55 3.78 -14.19 19.65
CA ALA B 55 3.13 -13.02 19.10
C ALA B 55 3.28 -13.02 17.58
N ASP B 56 2.34 -12.36 16.91
CA ASP B 56 2.32 -12.35 15.45
C ASP B 56 1.83 -10.98 15.01
N PRO B 57 2.68 -9.96 15.14
CA PRO B 57 2.22 -8.58 14.85
C PRO B 57 1.76 -8.41 13.42
N ASN B 58 2.34 -9.13 12.45
N ASN B 58 2.38 -9.09 12.45
CA ASN B 58 1.86 -8.99 11.08
CA ASN B 58 1.89 -9.04 11.08
C ASN B 58 0.49 -9.63 10.90
C ASN B 58 0.47 -9.56 11.00
N PHE B 59 0.19 -10.66 11.70
CA PHE B 59 -1.15 -11.24 11.68
C PHE B 59 -2.16 -10.27 12.28
N VAL B 60 -1.78 -9.55 13.34
CA VAL B 60 -2.70 -8.58 13.93
C VAL B 60 -3.05 -7.51 12.91
N ARG B 61 -2.05 -6.99 12.21
CA ARG B 61 -2.34 -5.99 11.18
C ARG B 61 -3.18 -6.58 10.05
N THR B 62 -2.82 -7.77 9.57
CA THR B 62 -3.58 -8.40 8.49
C THR B 62 -5.03 -8.59 8.90
N PHE B 63 -5.25 -9.16 10.09
CA PHE B 63 -6.60 -9.41 10.57
C PHE B 63 -7.38 -8.11 10.74
N LEU B 64 -6.82 -7.12 11.44
CA LEU B 64 -7.59 -5.89 11.68
C LEU B 64 -7.83 -5.10 10.40
N THR B 65 -6.99 -5.28 9.39
CA THR B 65 -7.22 -4.61 8.11
C THR B 65 -8.36 -5.24 7.33
N THR B 66 -8.53 -6.58 7.43
CA THR B 66 -9.37 -7.31 6.49
C THR B 66 -10.57 -8.02 7.10
N TYR B 67 -10.76 -8.01 8.43
CA TYR B 67 -11.72 -8.93 9.03
C TYR B 67 -13.17 -8.62 8.67
N ARG B 68 -13.47 -7.39 8.25
CA ARG B 68 -14.88 -7.03 8.07
C ARG B 68 -15.52 -7.80 6.92
N SER B 69 -14.73 -8.43 6.06
CA SER B 69 -15.28 -9.29 5.02
C SER B 69 -15.80 -10.61 5.56
N PHE B 70 -15.49 -10.95 6.82
CA PHE B 70 -16.01 -12.20 7.36
C PHE B 70 -16.56 -12.09 8.79
N CYS B 71 -16.47 -10.93 9.43
CA CYS B 71 -16.94 -10.79 10.81
C CYS B 71 -17.30 -9.32 11.04
N LYS B 72 -18.45 -9.05 11.64
CA LYS B 72 -18.84 -7.67 11.91
C LYS B 72 -18.03 -7.11 13.08
N PRO B 73 -17.76 -5.80 13.08
CA PRO B 73 -17.03 -5.20 14.22
C PRO B 73 -17.64 -5.53 15.58
N GLN B 74 -18.97 -5.46 15.71
CA GLN B 74 -19.60 -5.78 17.00
C GLN B 74 -19.33 -7.22 17.39
N GLU B 75 -19.34 -8.12 16.41
CA GLU B 75 -19.11 -9.53 16.72
C GLU B 75 -17.65 -9.77 17.06
N LEU B 76 -16.71 -9.09 16.38
CA LEU B 76 -15.30 -9.24 16.74
C LEU B 76 -15.07 -8.86 18.19
N LEU B 77 -15.65 -7.74 18.63
CA LEU B 77 -15.45 -7.31 20.01
C LEU B 77 -16.02 -8.35 20.98
N SER B 78 -17.21 -8.87 20.69
CA SER B 78 -17.76 -9.92 21.56
C SER B 78 -16.82 -11.11 21.63
N LEU B 79 -16.23 -11.50 20.51
CA LEU B 79 -15.36 -12.67 20.49
C LEU B 79 -14.05 -12.42 21.24
N ILE B 80 -13.47 -11.23 21.14
CA ILE B 80 -12.21 -11.06 21.87
C ILE B 80 -12.46 -10.87 23.37
N ILE B 81 -13.62 -10.33 23.76
CA ILE B 81 -13.98 -10.33 25.18
C ILE B 81 -14.15 -11.75 25.69
N GLU B 82 -14.80 -12.60 24.90
CA GLU B 82 -14.91 -14.02 25.27
C GLU B 82 -13.55 -14.67 25.37
N ARG B 83 -12.65 -14.35 24.45
CA ARG B 83 -11.28 -14.88 24.49
C ARG B 83 -10.57 -14.47 25.78
N PHE B 84 -10.79 -13.24 26.22
CA PHE B 84 -10.12 -12.68 27.38
C PHE B 84 -10.53 -13.36 28.68
N GLU B 85 -11.78 -13.80 28.79
N GLU B 85 -11.77 -13.85 28.76
CA GLU B 85 -12.30 -14.31 30.06
CA GLU B 85 -12.32 -14.33 30.03
C GLU B 85 -12.00 -15.81 30.16
C GLU B 85 -12.01 -15.82 30.17
N ILE B 86 -10.79 -16.11 30.60
CA ILE B 86 -10.26 -17.46 30.67
C ILE B 86 -10.50 -18.04 32.08
N PRO B 87 -11.13 -19.18 32.21
CA PRO B 87 -11.30 -19.78 33.55
C PRO B 87 -9.98 -20.30 34.09
N GLU B 88 -9.80 -20.17 35.42
CA GLU B 88 -8.61 -20.73 36.05
C GLU B 88 -8.87 -22.17 36.47
N PRO B 89 -7.84 -23.02 36.47
CA PRO B 89 -8.04 -24.43 36.82
C PRO B 89 -8.27 -24.59 38.32
N GLU B 90 -8.91 -25.71 38.68
CA GLU B 90 -9.15 -26.06 40.07
C GLU B 90 -7.88 -26.57 40.74
N PRO B 91 -7.79 -26.51 42.07
CA PRO B 91 -6.61 -27.04 42.75
C PRO B 91 -6.37 -28.50 42.41
N THR B 92 -5.10 -28.88 42.35
CA THR B 92 -4.72 -30.25 42.04
C THR B 92 -4.75 -31.12 43.31
N GLU B 93 -4.48 -32.41 43.13
CA GLU B 93 -4.47 -33.32 44.27
C GLU B 93 -3.45 -32.90 45.31
N ALA B 94 -2.24 -32.51 44.89
CA ALA B 94 -1.24 -32.06 45.85
C ALA B 94 -1.69 -30.82 46.60
N ASP B 95 -2.34 -29.88 45.89
CA ASP B 95 -2.89 -28.70 46.55
C ASP B 95 -3.96 -29.07 47.57
N ARG B 96 -4.84 -30.01 47.21
N ARG B 96 -4.84 -30.00 47.19
CA ARG B 96 -5.89 -30.41 48.15
CA ARG B 96 -5.89 -30.47 48.09
C ARG B 96 -5.30 -31.03 49.41
C ARG B 96 -5.32 -31.04 49.37
N ILE B 97 -4.29 -31.88 49.25
CA ILE B 97 -3.69 -32.51 50.43
C ILE B 97 -3.04 -31.47 51.31
N ALA B 98 -2.38 -30.47 50.72
CA ALA B 98 -1.81 -29.40 51.53
C ALA B 98 -2.89 -28.67 52.32
N ILE B 99 -3.97 -28.29 51.63
CA ILE B 99 -5.05 -27.55 52.29
C ILE B 99 -5.69 -28.37 53.40
N GLU B 100 -5.83 -29.68 53.19
CA GLU B 100 -6.43 -30.53 54.22
C GLU B 100 -5.57 -30.62 55.46
N ASN B 101 -4.27 -30.35 55.34
CA ASN B 101 -3.35 -30.34 56.48
C ASN B 101 -3.15 -28.95 57.05
N GLY B 102 -3.93 -27.96 56.61
CA GLY B 102 -3.79 -26.62 57.09
C GLY B 102 -2.61 -25.85 56.54
N ASP B 103 -1.99 -26.35 55.46
CA ASP B 103 -0.83 -25.71 54.87
C ASP B 103 -1.22 -24.91 53.63
N GLN B 104 -0.30 -24.05 53.20
CA GLN B 104 -0.54 -23.31 51.97
C GLN B 104 -0.18 -24.19 50.78
N PRO B 105 -1.05 -24.32 49.78
CA PRO B 105 -0.70 -25.13 48.60
C PRO B 105 0.37 -24.45 47.76
N LEU B 106 1.13 -25.28 47.04
CA LEU B 106 2.13 -24.75 46.13
C LEU B 106 1.49 -24.13 44.90
N SER B 107 0.33 -24.68 44.48
CA SER B 107 -0.43 -24.18 43.32
C SER B 107 0.46 -24.08 42.08
N ALA B 108 1.35 -25.06 41.91
CA ALA B 108 2.32 -25.00 40.83
C ALA B 108 1.64 -24.94 39.46
N GLU B 109 0.64 -25.79 39.25
CA GLU B 109 -0.03 -25.84 37.94
C GLU B 109 -0.82 -24.56 37.70
N LEU B 110 -1.51 -24.06 38.72
CA LEU B 110 -2.24 -22.80 38.60
C LEU B 110 -1.32 -21.65 38.25
N LYS B 111 -0.19 -21.54 38.97
CA LYS B 111 0.74 -20.45 38.70
C LYS B 111 1.32 -20.54 37.29
N ARG B 112 1.63 -21.75 36.83
CA ARG B 112 2.13 -21.90 35.47
C ARG B 112 1.06 -21.52 34.45
N PHE B 113 -0.18 -21.95 34.67
CA PHE B 113 -1.24 -21.61 33.71
C PHE B 113 -1.45 -20.10 33.64
N ARG B 114 -1.41 -19.42 34.78
CA ARG B 114 -1.51 -17.96 34.77
C ARG B 114 -0.37 -17.32 34.01
N LYS B 115 0.85 -17.78 34.26
CA LYS B 115 2.03 -17.15 33.69
C LYS B 115 2.18 -17.46 32.21
N GLU B 116 1.84 -18.67 31.79
CA GLU B 116 2.15 -19.12 30.43
C GLU B 116 0.94 -19.21 29.52
N TYR B 117 -0.29 -19.15 30.05
CA TYR B 117 -1.48 -19.12 29.20
C TYR B 117 -2.28 -17.84 29.42
N ILE B 118 -2.79 -17.59 30.64
CA ILE B 118 -3.73 -16.49 30.83
C ILE B 118 -3.06 -15.15 30.53
N GLN B 119 -1.92 -14.88 31.15
CA GLN B 119 -1.31 -13.57 30.97
C GLN B 119 -0.88 -13.29 29.53
N PRO B 120 -0.24 -14.21 28.80
CA PRO B 120 0.04 -13.91 27.39
C PRO B 120 -1.20 -13.75 26.54
N VAL B 121 -2.23 -14.59 26.71
CA VAL B 121 -3.43 -14.45 25.89
C VAL B 121 -4.11 -13.13 26.19
N GLN B 122 -4.24 -12.78 27.47
CA GLN B 122 -4.92 -11.53 27.84
C GLN B 122 -4.15 -10.33 27.33
N LEU B 123 -2.81 -10.35 27.45
N LEU B 123 -2.82 -10.34 27.46
CA LEU B 123 -2.02 -9.24 26.94
CA LEU B 123 -2.02 -9.25 26.93
C LEU B 123 -2.16 -9.13 25.42
C LEU B 123 -2.17 -9.13 25.43
N ARG B 124 -2.23 -10.27 24.73
CA ARG B 124 -2.37 -10.21 23.29
C ARG B 124 -3.77 -9.78 22.86
N VAL B 125 -4.80 -10.09 23.67
CA VAL B 125 -6.12 -9.50 23.42
C VAL B 125 -6.04 -7.98 23.57
N LEU B 126 -5.38 -7.50 24.62
CA LEU B 126 -5.25 -6.06 24.77
C LEU B 126 -4.44 -5.45 23.63
N ASN B 127 -3.44 -6.17 23.12
CA ASN B 127 -2.69 -5.65 21.98
C ASN B 127 -3.59 -5.53 20.75
N VAL B 128 -4.52 -6.46 20.56
CA VAL B 128 -5.48 -6.32 19.47
C VAL B 128 -6.33 -5.08 19.69
N CYS B 129 -6.84 -4.88 20.90
CA CYS B 129 -7.62 -3.68 21.19
C CYS B 129 -6.81 -2.41 20.94
N ARG B 130 -5.54 -2.42 21.34
CA ARG B 130 -4.71 -1.23 21.18
C ARG B 130 -4.48 -0.91 19.70
N HIS B 131 -4.14 -1.93 18.90
CA HIS B 131 -3.96 -1.73 17.46
C HIS B 131 -5.27 -1.33 16.80
N TRP B 132 -6.38 -1.90 17.26
CA TRP B 132 -7.69 -1.59 16.69
C TRP B 132 -8.00 -0.11 16.87
N VAL B 133 -7.80 0.39 18.09
CA VAL B 133 -8.09 1.80 18.38
C VAL B 133 -7.08 2.71 17.70
N GLU B 134 -5.80 2.32 17.66
CA GLU B 134 -4.80 3.26 17.15
C GLU B 134 -4.78 3.34 15.64
N HIS B 135 -5.01 2.23 14.96
CA HIS B 135 -4.79 2.16 13.52
C HIS B 135 -6.04 1.86 12.72
N HIS B 136 -7.16 1.51 13.37
CA HIS B 136 -8.39 1.20 12.66
C HIS B 136 -9.57 1.84 13.37
N PHE B 137 -9.38 3.07 13.85
CA PHE B 137 -10.37 3.74 14.67
C PHE B 137 -11.64 4.04 13.90
N TYR B 138 -11.63 3.95 12.57
CA TYR B 138 -12.86 4.25 11.82
C TYR B 138 -14.02 3.36 12.23
N ASP B 139 -13.77 2.13 12.68
CA ASP B 139 -14.88 1.30 13.16
C ASP B 139 -15.64 2.00 14.26
N PHE B 140 -14.93 2.69 15.15
CA PHE B 140 -15.51 3.37 16.29
C PHE B 140 -16.08 4.73 15.91
N GLU B 141 -15.50 5.40 14.90
CA GLU B 141 -16.08 6.65 14.42
C GLU B 141 -17.44 6.41 13.80
N ARG B 142 -17.62 5.24 13.17
CA ARG B 142 -18.84 4.95 12.41
C ARG B 142 -19.88 4.24 13.25
N ASP B 143 -19.53 3.83 14.47
CA ASP B 143 -20.44 3.08 15.34
C ASP B 143 -20.14 3.50 16.78
N ALA B 144 -20.84 4.54 17.24
CA ALA B 144 -20.59 5.06 18.59
C ALA B 144 -20.85 4.02 19.67
N TYR B 145 -21.80 3.11 19.43
CA TYR B 145 -22.05 2.07 20.42
C TYR B 145 -20.90 1.09 20.53
N LEU B 146 -20.25 0.78 19.40
CA LEU B 146 -19.04 -0.05 19.46
C LEU B 146 -17.99 0.60 20.36
N LEU B 147 -17.83 1.92 20.25
CA LEU B 147 -16.85 2.61 21.07
C LEU B 147 -17.22 2.54 22.55
N GLN B 148 -18.51 2.69 22.86
CA GLN B 148 -18.93 2.56 24.25
C GLN B 148 -18.58 1.19 24.80
N ARG B 149 -18.83 0.14 24.01
CA ARG B 149 -18.52 -1.22 24.48
C ARG B 149 -17.03 -1.41 24.71
N MET B 150 -16.20 -0.85 23.81
CA MET B 150 -14.76 -0.98 24.00
C MET B 150 -14.31 -0.22 25.25
N GLU B 151 -14.79 1.01 25.44
CA GLU B 151 -14.44 1.79 26.62
C GLU B 151 -14.81 1.04 27.89
N GLU B 152 -15.98 0.39 27.89
N GLU B 152 -15.99 0.41 27.92
CA GLU B 152 -16.47 -0.31 29.08
CA GLU B 152 -16.44 -0.31 29.10
C GLU B 152 -15.68 -1.58 29.35
C GLU B 152 -15.60 -1.55 29.35
N PHE B 153 -15.30 -2.31 28.29
CA PHE B 153 -14.49 -3.51 28.47
C PHE B 153 -13.13 -3.15 29.05
N ILE B 154 -12.44 -2.20 28.42
CA ILE B 154 -11.10 -1.82 28.88
C ILE B 154 -11.19 -1.24 30.28
N GLY B 155 -12.16 -0.36 30.52
CA GLY B 155 -12.27 0.32 31.79
C GLY B 155 -12.69 -0.56 32.95
N THR B 156 -13.10 -1.81 32.70
CA THR B 156 -13.46 -2.72 33.78
C THR B 156 -12.55 -3.94 33.89
N VAL B 157 -11.42 -3.95 33.18
CA VAL B 157 -10.43 -5.01 33.39
C VAL B 157 -9.77 -4.81 34.75
N ARG B 158 -9.81 -5.86 35.58
CA ARG B 158 -9.27 -5.80 36.93
C ARG B 158 -7.91 -6.48 37.00
N GLY B 159 -7.19 -6.23 38.08
CA GLY B 159 -6.00 -7.02 38.30
C GLY B 159 -4.73 -6.33 37.86
N LYS B 160 -3.67 -6.51 38.64
CA LYS B 160 -2.51 -5.66 38.48
C LYS B 160 -1.63 -6.05 37.29
N ALA B 161 -1.72 -7.28 36.79
CA ALA B 161 -0.81 -7.66 35.69
C ALA B 161 -1.11 -6.86 34.43
N MET B 162 -2.38 -6.54 34.18
CA MET B 162 -2.77 -5.80 32.98
C MET B 162 -2.87 -4.29 33.22
N LYS B 163 -2.71 -3.83 34.46
CA LYS B 163 -3.13 -2.47 34.83
C LYS B 163 -2.43 -1.38 34.00
N LYS B 164 -1.12 -1.52 33.76
CA LYS B 164 -0.40 -0.50 33.01
C LYS B 164 -1.00 -0.31 31.62
N TRP B 165 -1.36 -1.41 30.97
CA TRP B 165 -1.86 -1.33 29.60
C TRP B 165 -3.33 -0.93 29.56
N VAL B 166 -4.12 -1.35 30.54
CA VAL B 166 -5.51 -0.91 30.64
C VAL B 166 -5.58 0.61 30.80
N GLU B 167 -4.78 1.16 31.70
CA GLU B 167 -4.81 2.59 31.92
C GLU B 167 -4.31 3.34 30.70
N SER B 168 -3.29 2.81 30.03
CA SER B 168 -2.78 3.43 28.82
C SER B 168 -3.82 3.38 27.69
N ILE B 169 -4.44 2.21 27.48
CA ILE B 169 -5.42 2.12 26.39
C ILE B 169 -6.61 3.03 26.64
N THR B 170 -7.04 3.15 27.90
CA THR B 170 -8.09 4.10 28.23
C THR B 170 -7.72 5.51 27.78
N LYS B 171 -6.49 5.94 28.06
CA LYS B 171 -6.07 7.28 27.65
C LYS B 171 -5.97 7.40 26.13
N ILE B 172 -5.47 6.35 25.46
CA ILE B 172 -5.36 6.40 24.00
C ILE B 172 -6.73 6.57 23.36
N ILE B 173 -7.73 5.84 23.86
CA ILE B 173 -9.09 5.99 23.33
C ILE B 173 -9.57 7.43 23.49
N GLN B 174 -9.39 8.00 24.68
CA GLN B 174 -9.88 9.36 24.90
C GLN B 174 -9.15 10.35 24.00
N ARG B 175 -7.86 10.14 23.76
N ARG B 175 -7.86 10.13 23.75
CA ARG B 175 -7.12 11.01 22.84
CA ARG B 175 -7.14 11.02 22.83
C ARG B 175 -7.63 10.85 21.40
C ARG B 175 -7.64 10.87 21.39
N LYS B 176 -7.89 9.61 20.98
N LYS B 176 -7.89 9.63 20.95
CA LYS B 176 -8.38 9.37 19.63
CA LYS B 176 -8.37 9.42 19.59
C LYS B 176 -9.72 10.05 19.38
C LYS B 176 -9.74 10.05 19.37
N LYS B 177 -10.55 10.16 20.43
CA LYS B 177 -11.87 10.74 20.26
C LYS B 177 -11.81 12.23 19.92
N ILE B 178 -10.89 12.98 20.52
CA ILE B 178 -10.85 14.43 20.30
C ILE B 178 -9.81 14.82 19.25
N ALA B 179 -9.26 13.86 18.52
CA ALA B 179 -8.23 14.14 17.54
C ALA B 179 -8.86 14.48 16.19
N ASN B 187 4.41 16.96 13.59
CA ASN B 187 5.68 17.63 13.82
C ASN B 187 6.83 16.76 13.30
N ILE B 188 7.58 17.27 12.32
CA ILE B 188 8.60 16.49 11.62
C ILE B 188 9.97 17.09 11.89
N THR B 189 10.98 16.23 12.12
CA THR B 189 12.37 16.66 12.24
C THR B 189 13.24 15.98 11.20
N PHE B 190 14.20 16.71 10.63
CA PHE B 190 15.00 16.23 9.51
C PHE B 190 16.50 16.22 9.80
N GLN B 191 17.20 15.39 9.00
CA GLN B 191 18.66 15.34 9.04
C GLN B 191 19.31 16.64 8.54
N SER B 192 18.58 17.49 7.83
CA SER B 192 19.15 18.70 7.26
C SER B 192 18.04 19.68 6.90
N SER B 193 18.43 20.86 6.39
CA SER B 193 17.48 21.87 5.99
C SER B 193 17.01 21.64 4.56
N PRO B 194 15.74 21.95 4.27
CA PRO B 194 15.25 21.84 2.89
C PRO B 194 15.93 22.86 2.00
N PRO B 195 16.01 22.61 0.70
CA PRO B 195 16.65 23.58 -0.20
C PRO B 195 15.82 24.84 -0.33
N THR B 196 16.50 25.89 -0.79
CA THR B 196 15.85 27.18 -0.98
C THR B 196 14.82 27.10 -2.11
N VAL B 197 13.65 27.72 -1.89
CA VAL B 197 12.62 27.77 -2.93
C VAL B 197 13.14 28.56 -4.13
N GLU B 198 12.89 28.05 -5.34
CA GLU B 198 13.40 28.64 -6.57
C GLU B 198 12.33 29.41 -7.32
N TRP B 199 12.71 30.59 -7.85
CA TRP B 199 11.80 31.48 -8.57
C TRP B 199 12.37 31.82 -9.94
N HIS B 200 11.47 32.03 -10.90
CA HIS B 200 11.82 32.31 -12.29
C HIS B 200 11.17 33.64 -12.69
N ILE B 201 10.25 33.63 -13.65
CA ILE B 201 9.64 34.89 -14.09
C ILE B 201 8.63 35.39 -13.05
N SER B 202 7.73 34.51 -12.61
CA SER B 202 6.80 34.88 -11.54
C SER B 202 7.58 35.08 -10.24
N ARG B 203 7.30 36.17 -9.54
CA ARG B 203 7.99 36.46 -8.31
C ARG B 203 7.09 36.17 -7.11
N PRO B 204 7.66 36.01 -5.91
CA PRO B 204 6.84 35.66 -4.74
C PRO B 204 5.69 36.63 -4.53
N GLY B 205 4.50 36.08 -4.29
CA GLY B 205 3.32 36.88 -4.06
C GLY B 205 2.58 37.34 -5.29
N HIS B 206 3.09 37.05 -6.49
CA HIS B 206 2.43 37.46 -7.73
C HIS B 206 1.71 36.29 -8.38
N ILE B 207 0.72 35.78 -7.64
CA ILE B 207 0.04 34.55 -8.04
C ILE B 207 -0.68 34.70 -9.36
N GLU B 208 -1.03 35.94 -9.75
CA GLU B 208 -1.75 36.18 -10.99
C GLU B 208 -0.91 35.86 -12.23
N THR B 209 0.40 35.80 -12.09
CA THR B 209 1.26 35.49 -13.22
C THR B 209 1.69 34.03 -13.26
N PHE B 210 1.37 33.24 -12.23
CA PHE B 210 1.79 31.84 -12.17
C PHE B 210 1.26 31.08 -13.39
N ASP B 211 2.15 30.31 -14.02
CA ASP B 211 1.79 29.50 -15.17
C ASP B 211 2.91 28.50 -15.40
N LEU B 212 2.70 27.60 -16.37
CA LEU B 212 3.66 26.55 -16.63
C LEU B 212 5.06 27.09 -16.91
N LEU B 213 5.16 28.15 -17.72
CA LEU B 213 6.48 28.63 -18.12
C LEU B 213 7.02 29.75 -17.22
N THR B 214 6.20 30.33 -16.34
CA THR B 214 6.66 31.44 -15.51
C THR B 214 7.09 31.03 -14.10
N LEU B 215 6.53 29.94 -13.56
CA LEU B 215 7.10 29.35 -12.36
C LEU B 215 8.40 28.64 -12.73
N HIS B 216 9.29 28.47 -11.74
CA HIS B 216 10.53 27.75 -12.00
C HIS B 216 10.22 26.26 -12.16
N PRO B 217 10.74 25.59 -13.19
CA PRO B 217 10.40 24.17 -13.36
C PRO B 217 10.83 23.32 -12.17
N ILE B 218 11.94 23.64 -11.51
CA ILE B 218 12.31 22.90 -10.32
C ILE B 218 11.21 23.01 -9.27
N GLU B 219 10.69 24.22 -9.08
CA GLU B 219 9.75 24.45 -8.00
C GLU B 219 8.37 23.92 -8.35
N ILE B 220 8.00 23.94 -9.63
CA ILE B 220 6.79 23.22 -10.06
C ILE B 220 6.87 21.76 -9.62
N ALA B 221 7.98 21.10 -9.95
CA ALA B 221 8.11 19.68 -9.60
C ALA B 221 8.12 19.48 -8.09
N ARG B 222 8.81 20.36 -7.35
CA ARG B 222 8.86 20.20 -5.89
C ARG B 222 7.47 20.36 -5.27
N GLN B 223 6.74 21.40 -5.67
CA GLN B 223 5.46 21.67 -5.02
C GLN B 223 4.42 20.64 -5.42
N LEU B 224 4.44 20.19 -6.68
CA LEU B 224 3.57 19.09 -7.07
C LEU B 224 3.93 17.82 -6.31
N THR B 225 5.23 17.58 -6.06
CA THR B 225 5.62 16.39 -5.31
C THR B 225 5.13 16.45 -3.87
N LEU B 226 5.24 17.62 -3.22
CA LEU B 226 4.69 17.75 -1.86
C LEU B 226 3.18 17.51 -1.86
N LEU B 227 2.48 18.08 -2.84
CA LEU B 227 1.03 17.90 -2.93
C LEU B 227 0.67 16.44 -3.17
N GLU B 228 1.35 15.80 -4.14
CA GLU B 228 1.06 14.41 -4.48
C GLU B 228 1.48 13.46 -3.35
N SER B 229 2.57 13.80 -2.66
CA SER B 229 2.96 13.01 -1.49
C SER B 229 1.89 13.09 -0.39
N ASP B 230 1.42 14.29 -0.08
CA ASP B 230 0.35 14.44 0.91
C ASP B 230 -0.90 13.66 0.50
N LEU B 231 -1.27 13.73 -0.78
CA LEU B 231 -2.45 12.98 -1.23
C LEU B 231 -2.23 11.47 -1.10
N TYR B 232 -1.02 11.00 -1.46
CA TYR B 232 -0.70 9.59 -1.32
C TYR B 232 -0.76 9.13 0.13
N ARG B 233 -0.20 9.93 1.04
CA ARG B 233 -0.11 9.57 2.45
C ARG B 233 -1.46 9.59 3.15
N ALA B 234 -2.46 10.24 2.56
CA ALA B 234 -3.77 10.37 3.20
C ALA B 234 -4.68 9.16 2.99
N VAL B 235 -4.32 8.25 2.08
CA VAL B 235 -5.21 7.14 1.72
C VAL B 235 -5.10 6.04 2.77
N GLN B 236 -6.23 5.69 3.40
CA GLN B 236 -6.21 4.67 4.44
C GLN B 236 -6.71 3.34 3.89
N PRO B 237 -6.35 2.22 4.52
CA PRO B 237 -6.80 0.92 4.02
C PRO B 237 -8.30 0.76 3.97
N SER B 238 -9.05 1.47 4.82
CA SER B 238 -10.50 1.41 4.78
C SER B 238 -11.06 1.86 3.44
N GLU B 239 -10.29 2.62 2.66
N GLU B 239 -10.30 2.64 2.67
CA GLU B 239 -10.73 3.07 1.35
CA GLU B 239 -10.77 3.05 1.35
C GLU B 239 -10.49 2.03 0.27
C GLU B 239 -10.49 2.02 0.27
N LEU B 240 -9.83 0.92 0.61
CA LEU B 240 -9.34 -0.07 -0.34
C LEU B 240 -9.94 -1.46 -0.15
N VAL B 241 -10.02 -1.93 1.10
N VAL B 241 -10.04 -1.93 1.10
CA VAL B 241 -10.49 -3.30 1.31
CA VAL B 241 -10.52 -3.28 1.35
C VAL B 241 -11.94 -3.40 0.86
C VAL B 241 -11.97 -3.40 0.89
N GLY B 242 -12.30 -4.56 0.32
CA GLY B 242 -13.62 -4.75 -0.22
C GLY B 242 -13.85 -4.09 -1.56
N SER B 243 -12.78 -3.57 -2.19
CA SER B 243 -12.83 -2.91 -3.49
C SER B 243 -13.82 -1.75 -3.50
N VAL B 244 -13.96 -1.05 -2.36
CA VAL B 244 -15.06 -0.09 -2.21
C VAL B 244 -14.89 1.15 -3.09
N TRP B 245 -13.69 1.44 -3.59
CA TRP B 245 -13.50 2.59 -4.48
C TRP B 245 -14.08 2.36 -5.87
N THR B 246 -14.50 1.12 -6.19
CA THR B 246 -15.14 0.81 -7.45
C THR B 246 -16.66 0.71 -7.35
N LYS B 247 -17.21 0.73 -6.14
CA LYS B 247 -18.63 0.44 -5.96
C LYS B 247 -19.47 1.72 -5.92
N GLU B 248 -20.79 1.55 -5.79
CA GLU B 248 -21.69 2.70 -5.93
C GLU B 248 -21.46 3.77 -4.87
N ASP B 249 -21.03 3.39 -3.67
CA ASP B 249 -20.76 4.34 -2.59
C ASP B 249 -19.29 4.78 -2.54
N LYS B 250 -18.57 4.73 -3.66
CA LYS B 250 -17.15 5.07 -3.64
C LYS B 250 -16.88 6.48 -3.13
N GLU B 251 -17.77 7.46 -3.38
CA GLU B 251 -17.45 8.81 -2.90
C GLU B 251 -17.52 8.90 -1.40
N ILE B 252 -18.33 8.04 -0.77
CA ILE B 252 -18.44 8.01 0.68
C ILE B 252 -17.27 7.25 1.28
N ASN B 253 -16.90 6.11 0.69
CA ASN B 253 -15.97 5.19 1.32
C ASN B 253 -14.53 5.43 0.94
N SER B 254 -14.25 6.07 -0.21
CA SER B 254 -12.88 6.23 -0.69
C SER B 254 -12.55 7.69 -1.08
N PRO B 255 -12.91 8.68 -0.25
CA PRO B 255 -12.75 10.06 -0.71
C PRO B 255 -11.30 10.51 -0.87
N ASN B 256 -10.38 10.07 0.00
CA ASN B 256 -8.98 10.50 -0.17
C ASN B 256 -8.36 9.85 -1.39
N LEU B 257 -8.65 8.58 -1.65
CA LEU B 257 -8.15 7.95 -2.87
C LEU B 257 -8.67 8.69 -4.10
N LEU B 258 -9.97 8.98 -4.12
CA LEU B 258 -10.52 9.63 -5.31
C LEU B 258 -9.97 11.05 -5.49
N LYS B 259 -9.73 11.78 -4.38
CA LYS B 259 -9.10 13.09 -4.50
C LYS B 259 -7.70 12.96 -5.09
N MET B 260 -6.97 11.92 -4.69
CA MET B 260 -5.63 11.70 -5.22
C MET B 260 -5.67 11.43 -6.72
N ILE B 261 -6.59 10.55 -7.14
CA ILE B 261 -6.68 10.20 -8.56
C ILE B 261 -7.12 11.40 -9.38
N ARG B 262 -8.09 12.18 -8.85
CA ARG B 262 -8.57 13.31 -9.62
C ARG B 262 -7.51 14.38 -9.77
N HIS B 263 -6.64 14.54 -8.77
CA HIS B 263 -5.50 15.44 -8.95
C HIS B 263 -4.62 14.98 -10.09
N THR B 264 -4.26 13.69 -10.10
CA THR B 264 -3.42 13.14 -11.15
C THR B 264 -4.04 13.36 -12.52
N THR B 265 -5.34 13.09 -12.63
CA THR B 265 -6.03 13.29 -13.91
C THR B 265 -6.02 14.75 -14.33
N ASN B 266 -6.27 15.65 -13.39
CA ASN B 266 -6.27 17.08 -13.72
C ASN B 266 -4.90 17.55 -14.19
N LEU B 267 -3.82 17.08 -13.55
CA LEU B 267 -2.50 17.52 -13.98
C LEU B 267 -2.18 17.00 -15.38
N THR B 268 -2.53 15.74 -15.66
CA THR B 268 -2.30 15.21 -17.01
C THR B 268 -3.05 16.04 -18.04
N LEU B 269 -4.33 16.34 -17.77
CA LEU B 269 -5.10 17.17 -18.70
C LEU B 269 -4.56 18.58 -18.80
N TRP B 270 -4.04 19.13 -17.69
CA TRP B 270 -3.45 20.46 -17.76
C TRP B 270 -2.23 20.47 -18.67
N PHE B 271 -1.37 19.44 -18.56
CA PHE B 271 -0.22 19.37 -19.48
C PHE B 271 -0.68 19.32 -20.92
N GLU B 272 -1.67 18.46 -21.23
CA GLU B 272 -2.19 18.38 -22.60
C GLU B 272 -2.74 19.72 -23.06
N LYS B 273 -3.51 20.38 -22.20
CA LYS B 273 -4.09 21.68 -22.55
C LYS B 273 -3.01 22.73 -22.80
N CYS B 274 -1.99 22.79 -21.94
CA CYS B 274 -0.89 23.73 -22.17
C CYS B 274 -0.27 23.51 -23.55
N ILE B 275 -0.11 22.25 -23.94
CA ILE B 275 0.55 21.94 -25.21
C ILE B 275 -0.33 22.36 -26.39
N VAL B 276 -1.58 21.85 -26.44
CA VAL B 276 -2.36 22.06 -27.67
C VAL B 276 -2.94 23.47 -27.76
N GLU B 277 -3.06 24.20 -26.65
CA GLU B 277 -3.51 25.60 -26.74
C GLU B 277 -2.38 26.56 -27.09
N THR B 278 -1.15 26.06 -27.18
CA THR B 278 -0.01 26.86 -27.66
C THR B 278 0.10 26.59 -29.15
N GLU B 279 -0.52 27.48 -29.95
CA GLU B 279 -0.66 27.21 -31.38
C GLU B 279 0.63 27.46 -32.16
N ASN B 280 1.45 28.41 -31.73
CA ASN B 280 2.72 28.67 -32.39
C ASN B 280 3.68 27.50 -32.16
N LEU B 281 4.29 27.00 -33.25
CA LEU B 281 5.12 25.80 -33.14
C LEU B 281 6.32 26.02 -32.22
N GLU B 282 7.06 27.11 -32.42
CA GLU B 282 8.23 27.37 -31.59
C GLU B 282 7.85 27.46 -30.11
N GLU B 283 6.75 28.14 -29.81
CA GLU B 283 6.31 28.23 -28.42
C GLU B 283 5.87 26.87 -27.89
N ARG B 284 5.22 26.06 -28.71
CA ARG B 284 4.76 24.76 -28.24
C ARG B 284 5.93 23.82 -27.95
N VAL B 285 7.00 23.92 -28.74
CA VAL B 285 8.22 23.18 -28.44
C VAL B 285 8.76 23.58 -27.08
N ALA B 286 8.74 24.87 -26.75
CA ALA B 286 9.22 25.32 -25.45
C ALA B 286 8.36 24.78 -24.32
N VAL B 287 7.03 24.72 -24.53
CA VAL B 287 6.12 24.14 -23.54
C VAL B 287 6.44 22.66 -23.32
N VAL B 288 6.57 21.88 -24.40
CA VAL B 288 6.86 20.45 -24.25
C VAL B 288 8.22 20.25 -23.58
N SER B 289 9.21 21.03 -24.01
N SER B 289 9.22 21.03 -24.00
CA SER B 289 10.54 20.93 -23.40
CA SER B 289 10.54 20.90 -23.38
C SER B 289 10.48 21.21 -21.90
C SER B 289 10.48 21.20 -21.89
N ARG B 290 9.68 22.19 -21.49
CA ARG B 290 9.56 22.49 -20.07
C ARG B 290 8.89 21.33 -19.33
N ILE B 291 7.88 20.71 -19.94
CA ILE B 291 7.20 19.58 -19.30
C ILE B 291 8.17 18.41 -19.09
N ILE B 292 9.04 18.16 -20.07
N ILE B 292 9.04 18.17 -20.08
CA ILE B 292 10.02 17.08 -19.91
CA ILE B 292 10.03 17.10 -19.94
C ILE B 292 11.08 17.43 -18.86
C ILE B 292 11.04 17.44 -18.84
N GLU B 293 11.38 18.72 -18.69
CA GLU B 293 12.27 19.11 -17.59
C GLU B 293 11.60 18.86 -16.24
N ILE B 294 10.32 19.17 -16.12
CA ILE B 294 9.58 18.85 -14.89
C ILE B 294 9.62 17.34 -14.64
N LEU B 295 9.40 16.55 -15.69
CA LEU B 295 9.51 15.09 -15.58
C LEU B 295 10.88 14.68 -15.04
N GLN B 296 11.96 15.30 -15.53
CA GLN B 296 13.30 15.00 -15.03
C GLN B 296 13.40 15.24 -13.53
N VAL B 297 12.82 16.34 -13.04
CA VAL B 297 12.90 16.61 -11.60
C VAL B 297 12.02 15.63 -10.82
N PHE B 298 10.85 15.28 -11.37
CA PHE B 298 10.04 14.21 -10.76
C PHE B 298 10.84 12.94 -10.58
N GLN B 299 11.60 12.55 -11.61
CA GLN B 299 12.43 11.35 -11.50
C GLN B 299 13.47 11.50 -10.39
N GLU B 300 14.11 12.67 -10.30
CA GLU B 300 15.12 12.89 -9.27
C GLU B 300 14.52 12.79 -7.88
N LEU B 301 13.26 13.20 -7.72
CA LEU B 301 12.55 13.18 -6.45
C LEU B 301 11.85 11.87 -6.16
N ASN B 302 11.96 10.88 -7.05
CA ASN B 302 11.23 9.59 -6.90
C ASN B 302 9.73 9.82 -6.84
N ASN B 303 9.23 10.84 -7.54
CA ASN B 303 7.78 11.05 -7.63
C ASN B 303 7.31 10.30 -8.87
N PHE B 304 6.98 9.02 -8.68
CA PHE B 304 6.58 8.18 -9.81
C PHE B 304 5.18 8.51 -10.28
N ASN B 305 4.30 8.93 -9.37
CA ASN B 305 3.00 9.44 -9.80
C ASN B 305 3.18 10.59 -10.78
N GLY B 306 4.09 11.52 -10.45
CA GLY B 306 4.36 12.65 -11.34
C GLY B 306 4.94 12.21 -12.67
N VAL B 307 5.90 11.29 -12.64
CA VAL B 307 6.45 10.73 -13.88
C VAL B 307 5.33 10.24 -14.78
N LEU B 308 4.42 9.45 -14.22
CA LEU B 308 3.40 8.86 -15.07
C LEU B 308 2.37 9.90 -15.52
N GLU B 309 2.14 10.94 -14.71
CA GLU B 309 1.27 12.04 -15.15
C GLU B 309 1.79 12.66 -16.44
N VAL B 310 3.12 12.84 -16.52
CA VAL B 310 3.71 13.43 -17.73
C VAL B 310 3.66 12.43 -18.87
N VAL B 311 4.06 11.18 -18.60
CA VAL B 311 4.05 10.16 -19.64
C VAL B 311 2.65 10.01 -20.23
N SER B 312 1.62 9.98 -19.37
CA SER B 312 0.25 9.85 -19.84
C SER B 312 -0.14 11.01 -20.74
N ALA B 313 0.32 12.22 -20.42
CA ALA B 313 0.01 13.36 -21.27
C ALA B 313 0.71 13.26 -22.63
N MET B 314 1.98 12.84 -22.63
CA MET B 314 2.73 12.78 -23.89
C MET B 314 2.27 11.63 -24.77
N ASN B 315 1.64 10.61 -24.20
CA ASN B 315 1.11 9.49 -24.96
C ASN B 315 -0.36 9.65 -25.32
N SER B 316 -0.99 10.75 -24.91
CA SER B 316 -2.41 10.96 -25.17
C SER B 316 -2.62 11.25 -26.65
N SER B 317 -3.83 10.94 -27.14
CA SER B 317 -4.12 11.16 -28.54
C SER B 317 -3.85 12.58 -29.02
N PRO B 318 -4.21 13.65 -28.30
CA PRO B 318 -3.95 15.00 -28.83
C PRO B 318 -2.48 15.34 -28.94
N VAL B 319 -1.63 14.81 -28.07
CA VAL B 319 -0.21 15.21 -28.06
C VAL B 319 0.63 14.27 -28.91
N TYR B 320 0.33 12.97 -28.85
CA TYR B 320 1.16 11.96 -29.50
C TYR B 320 1.34 12.24 -30.99
N ARG B 321 0.29 12.78 -31.64
CA ARG B 321 0.29 12.96 -33.09
C ARG B 321 1.02 14.22 -33.56
N LEU B 322 1.60 15.01 -32.66
CA LEU B 322 2.20 16.30 -33.03
C LEU B 322 3.64 16.11 -33.51
N ASP B 323 3.76 15.52 -34.70
CA ASP B 323 5.07 15.14 -35.24
C ASP B 323 5.98 16.35 -35.46
N HIS B 324 5.42 17.50 -35.86
CA HIS B 324 6.28 18.66 -36.08
C HIS B 324 6.88 19.18 -34.79
N THR B 325 6.14 19.07 -33.68
CA THR B 325 6.66 19.42 -32.37
C THR B 325 7.72 18.43 -31.92
N PHE B 326 7.43 17.14 -32.07
CA PHE B 326 8.37 16.08 -31.75
C PHE B 326 9.70 16.30 -32.47
N GLU B 327 9.66 16.69 -33.73
CA GLU B 327 10.88 16.79 -34.52
C GLU B 327 11.86 17.79 -33.93
N GLN B 328 11.37 18.80 -33.22
CA GLN B 328 12.25 19.85 -32.69
C GLN B 328 12.68 19.62 -31.25
N ILE B 329 12.18 18.57 -30.59
CA ILE B 329 12.58 18.33 -29.20
C ILE B 329 14.02 17.80 -29.18
N PRO B 330 14.89 18.32 -28.32
CA PRO B 330 16.29 17.84 -28.29
C PRO B 330 16.36 16.35 -28.03
N SER B 331 17.36 15.72 -28.65
N SER B 331 17.38 15.71 -28.62
CA SER B 331 17.53 14.27 -28.54
CA SER B 331 17.55 14.27 -28.47
C SER B 331 17.62 13.81 -27.09
C SER B 331 17.62 13.85 -27.01
N ARG B 332 18.31 14.58 -26.25
N ARG B 332 18.34 14.61 -26.18
CA ARG B 332 18.45 14.18 -24.85
CA ARG B 332 18.49 14.23 -24.79
C ARG B 332 17.10 14.12 -24.16
C ARG B 332 17.16 14.26 -24.03
N GLN B 333 16.19 15.04 -24.51
CA GLN B 333 14.87 15.05 -23.88
C GLN B 333 13.97 13.96 -24.43
N LYS B 334 14.10 13.64 -25.72
CA LYS B 334 13.42 12.45 -26.22
C LYS B 334 13.84 11.22 -25.43
N LYS B 335 15.12 11.15 -25.07
CA LYS B 335 15.63 9.98 -24.34
C LYS B 335 15.08 9.93 -22.92
N ILE B 336 14.98 11.09 -22.26
CA ILE B 336 14.40 11.14 -20.91
C ILE B 336 12.96 10.64 -20.94
N LEU B 337 12.19 11.09 -21.92
CA LEU B 337 10.79 10.68 -22.00
C LEU B 337 10.68 9.19 -22.33
N GLU B 338 11.52 8.71 -23.25
CA GLU B 338 11.47 7.30 -23.61
C GLU B 338 11.80 6.41 -22.42
N GLU B 339 12.83 6.77 -21.66
CA GLU B 339 13.18 5.96 -20.49
C GLU B 339 12.09 6.02 -19.42
N ALA B 340 11.42 7.15 -19.26
CA ALA B 340 10.28 7.20 -18.36
C ALA B 340 9.14 6.31 -18.86
N HIS B 341 8.85 6.34 -20.16
CA HIS B 341 7.83 5.46 -20.68
C HIS B 341 8.22 3.99 -20.53
N GLU B 342 9.51 3.67 -20.61
CA GLU B 342 9.94 2.29 -20.45
C GLU B 342 9.61 1.73 -19.07
N LEU B 343 9.44 2.59 -18.06
CA LEU B 343 9.04 2.10 -16.75
C LEU B 343 7.70 1.38 -16.79
N SER B 344 6.81 1.77 -17.71
CA SER B 344 5.46 1.24 -17.78
C SER B 344 5.36 0.00 -18.66
N GLU B 345 6.35 -0.24 -19.51
CA GLU B 345 6.30 -1.36 -20.44
C GLU B 345 6.29 -2.69 -19.71
N ASP B 346 5.82 -3.73 -20.41
N ASP B 346 5.79 -3.72 -20.39
CA ASP B 346 5.73 -5.09 -19.89
CA ASP B 346 5.77 -5.08 -19.85
C ASP B 346 5.11 -5.10 -18.49
C ASP B 346 5.10 -5.11 -18.48
N HIS B 347 3.92 -4.49 -18.39
CA HIS B 347 3.14 -4.48 -17.15
C HIS B 347 3.94 -3.90 -15.99
N TYR B 348 4.59 -2.75 -16.27
CA TYR B 348 5.31 -1.96 -15.26
C TYR B 348 6.52 -2.69 -14.68
N LYS B 349 7.12 -3.61 -15.45
CA LYS B 349 8.24 -4.39 -14.93
C LYS B 349 9.36 -3.50 -14.38
N LYS B 350 9.80 -2.51 -15.18
CA LYS B 350 10.92 -1.69 -14.73
C LYS B 350 10.50 -0.72 -13.62
N TYR B 351 9.27 -0.22 -13.66
CA TYR B 351 8.76 0.60 -12.56
C TYR B 351 8.81 -0.17 -11.25
N LEU B 352 8.32 -1.40 -11.25
CA LEU B 352 8.26 -2.19 -10.02
C LEU B 352 9.66 -2.40 -9.44
N ALA B 353 10.62 -2.71 -10.31
CA ALA B 353 11.99 -2.91 -9.85
C ALA B 353 12.60 -1.61 -9.36
N LYS B 354 12.28 -0.48 -10.01
CA LYS B 354 12.84 0.80 -9.57
C LYS B 354 12.26 1.23 -8.23
N LEU B 355 10.94 1.09 -8.06
CA LEU B 355 10.32 1.43 -6.78
C LEU B 355 10.98 0.67 -5.63
N ARG B 356 11.31 -0.60 -5.86
CA ARG B 356 11.88 -1.45 -4.83
C ARG B 356 13.37 -1.21 -4.64
N SER B 357 13.99 -0.39 -5.47
CA SER B 357 15.42 -0.12 -5.34
C SER B 357 15.76 1.26 -4.81
N ILE B 358 14.84 2.23 -4.91
CA ILE B 358 15.21 3.60 -4.55
C ILE B 358 15.26 3.79 -3.04
N ASN B 359 15.81 4.93 -2.63
CA ASN B 359 15.81 5.34 -1.23
C ASN B 359 14.66 6.30 -1.03
N PRO B 360 13.64 5.97 -0.25
CA PRO B 360 12.52 6.91 -0.04
C PRO B 360 13.00 8.18 0.64
N PRO B 361 12.21 9.25 0.60
CA PRO B 361 10.80 9.30 0.20
C PRO B 361 10.55 9.15 -1.29
N CYS B 362 9.36 8.63 -1.61
CA CYS B 362 8.90 8.51 -2.98
C CYS B 362 7.39 8.71 -2.99
N VAL B 363 6.84 8.86 -4.18
CA VAL B 363 5.39 8.85 -4.37
C VAL B 363 5.07 7.75 -5.37
N PRO B 364 4.62 6.59 -4.89
CA PRO B 364 4.28 5.50 -5.82
C PRO B 364 3.11 5.88 -6.73
N PHE B 365 3.02 5.16 -7.84
CA PHE B 365 1.81 5.18 -8.65
C PHE B 365 0.78 4.24 -8.04
N PHE B 366 -0.40 4.77 -7.68
CA PHE B 366 -1.37 3.96 -6.93
C PHE B 366 -2.10 2.96 -7.81
N GLY B 367 -2.18 3.20 -9.11
CA GLY B 367 -3.08 2.39 -9.94
C GLY B 367 -2.77 0.91 -9.90
N ILE B 368 -1.48 0.56 -9.83
CA ILE B 368 -1.08 -0.85 -9.79
C ILE B 368 -1.62 -1.53 -8.55
N TYR B 369 -1.54 -0.84 -7.40
CA TYR B 369 -2.07 -1.39 -6.17
C TYR B 369 -3.57 -1.63 -6.29
N LEU B 370 -4.30 -0.69 -6.89
CA LEU B 370 -5.74 -0.83 -7.01
C LEU B 370 -6.09 -2.07 -7.84
N THR B 371 -5.42 -2.25 -8.98
CA THR B 371 -5.71 -3.41 -9.81
C THR B 371 -5.36 -4.70 -9.07
N ASN B 372 -4.25 -4.72 -8.34
CA ASN B 372 -3.86 -5.96 -7.66
C ASN B 372 -4.80 -6.28 -6.51
N ILE B 373 -5.27 -5.26 -5.77
CA ILE B 373 -6.25 -5.53 -4.71
C ILE B 373 -7.55 -6.03 -5.31
N LEU B 374 -8.03 -5.37 -6.35
N LEU B 374 -8.04 -5.36 -6.34
CA LEU B 374 -9.31 -5.76 -6.94
CA LEU B 374 -9.31 -5.76 -6.94
C LEU B 374 -9.26 -7.18 -7.49
C LEU B 374 -9.24 -7.20 -7.45
N LYS B 375 -8.18 -7.53 -8.19
CA LYS B 375 -8.09 -8.87 -8.77
C LYS B 375 -7.86 -9.92 -7.70
N THR B 376 -7.15 -9.59 -6.62
CA THR B 376 -7.03 -10.54 -5.52
C THR B 376 -8.40 -10.82 -4.91
N GLU B 377 -9.20 -9.78 -4.70
N GLU B 377 -9.23 -9.79 -4.74
CA GLU B 377 -10.55 -9.95 -4.16
CA GLU B 377 -10.53 -10.01 -4.13
C GLU B 377 -11.42 -10.77 -5.11
C GLU B 377 -11.50 -10.70 -5.09
N GLU B 378 -11.38 -10.43 -6.39
CA GLU B 378 -12.29 -11.04 -7.36
C GLU B 378 -11.89 -12.49 -7.68
N GLY B 379 -10.60 -12.80 -7.61
CA GLY B 379 -10.08 -14.06 -8.11
C GLY B 379 -9.92 -15.16 -7.09
N ASN B 380 -10.31 -14.92 -5.83
CA ASN B 380 -10.19 -15.91 -4.78
C ASN B 380 -11.49 -16.01 -4.01
N PRO B 381 -11.88 -17.20 -3.57
CA PRO B 381 -13.16 -17.37 -2.89
C PRO B 381 -13.10 -16.89 -1.45
N GLU B 382 -14.26 -16.44 -0.96
CA GLU B 382 -14.36 -16.01 0.43
C GLU B 382 -14.16 -17.16 1.40
N VAL B 383 -14.64 -18.36 1.04
CA VAL B 383 -14.54 -19.51 1.94
C VAL B 383 -13.95 -20.69 1.19
N LEU B 384 -13.36 -21.60 1.96
CA LEU B 384 -12.95 -22.91 1.46
C LEU B 384 -13.84 -23.95 2.14
N LYS B 385 -14.34 -24.90 1.35
CA LYS B 385 -15.19 -25.96 1.87
C LYS B 385 -14.34 -27.19 2.12
N ARG B 386 -14.36 -27.69 3.36
CA ARG B 386 -13.51 -28.80 3.78
C ARG B 386 -14.29 -29.63 4.77
N HIS B 387 -14.46 -30.92 4.47
CA HIS B 387 -15.11 -31.86 5.40
C HIS B 387 -16.49 -31.38 5.80
N GLY B 388 -17.23 -30.82 4.84
CA GLY B 388 -18.55 -30.30 5.10
C GLY B 388 -18.62 -28.96 5.80
N LYS B 389 -17.48 -28.37 6.17
CA LYS B 389 -17.45 -27.10 6.86
C LYS B 389 -17.01 -25.99 5.90
N GLU B 390 -17.48 -24.79 6.17
CA GLU B 390 -17.02 -23.61 5.44
C GLU B 390 -15.99 -22.91 6.32
N LEU B 391 -14.77 -22.80 5.81
CA LEU B 391 -13.69 -22.12 6.53
C LEU B 391 -13.40 -20.80 5.85
N ILE B 392 -13.11 -19.77 6.65
CA ILE B 392 -12.72 -18.49 6.07
C ILE B 392 -11.42 -18.65 5.31
N ASN B 393 -11.40 -18.21 4.05
CA ASN B 393 -10.17 -18.25 3.25
C ASN B 393 -9.27 -17.11 3.70
N PHE B 394 -8.37 -17.40 4.64
CA PHE B 394 -7.55 -16.32 5.17
C PHE B 394 -6.38 -15.95 4.26
N SER B 395 -5.89 -16.90 3.44
N SER B 395 -5.90 -16.90 3.44
N SER B 395 -5.90 -16.90 3.43
CA SER B 395 -4.80 -16.58 2.52
CA SER B 395 -4.81 -16.61 2.51
CA SER B 395 -4.80 -16.59 2.51
C SER B 395 -5.18 -15.43 1.60
C SER B 395 -5.18 -15.46 1.59
C SER B 395 -5.18 -15.44 1.59
N LYS B 396 -6.45 -15.36 1.19
CA LYS B 396 -6.89 -14.26 0.34
C LYS B 396 -6.75 -12.92 1.06
N ARG B 397 -7.10 -12.89 2.34
CA ARG B 397 -6.99 -11.66 3.12
C ARG B 397 -5.53 -11.30 3.36
N ARG B 398 -4.68 -12.29 3.62
CA ARG B 398 -3.25 -12.02 3.76
C ARG B 398 -2.69 -11.38 2.50
N LYS B 399 -3.13 -11.85 1.33
CA LYS B 399 -2.62 -11.25 0.09
C LYS B 399 -3.05 -9.79 -0.06
N VAL B 400 -4.30 -9.47 0.28
CA VAL B 400 -4.74 -8.07 0.28
C VAL B 400 -3.93 -7.25 1.26
N ALA B 401 -3.70 -7.78 2.46
CA ALA B 401 -2.98 -7.01 3.46
C ALA B 401 -1.49 -6.89 3.13
N GLU B 402 -0.95 -7.77 2.30
CA GLU B 402 0.42 -7.56 1.83
C GLU B 402 0.49 -6.32 0.96
N ILE B 403 -0.54 -6.09 0.15
CA ILE B 403 -0.58 -4.90 -0.69
C ILE B 403 -0.81 -3.66 0.15
N THR B 404 -1.77 -3.69 1.09
CA THR B 404 -1.98 -2.51 1.90
C THR B 404 -0.75 -2.21 2.77
N GLY B 405 -0.02 -3.25 3.19
CA GLY B 405 1.20 -3.02 3.96
C GLY B 405 2.28 -2.35 3.14
N GLU B 406 2.40 -2.72 1.86
N GLU B 406 2.40 -2.74 1.87
CA GLU B 406 3.36 -2.08 0.98
CA GLU B 406 3.36 -2.07 1.00
C GLU B 406 3.02 -0.62 0.74
C GLU B 406 3.01 -0.60 0.83
N ILE B 407 1.73 -0.32 0.58
CA ILE B 407 1.29 1.07 0.48
C ILE B 407 1.70 1.85 1.71
N GLN B 408 1.39 1.31 2.88
CA GLN B 408 1.66 2.01 4.14
C GLN B 408 3.15 2.23 4.33
N GLN B 409 3.98 1.29 3.89
CA GLN B 409 5.43 1.44 4.10
C GLN B 409 5.95 2.69 3.40
N TYR B 410 5.42 3.01 2.21
CA TYR B 410 5.88 4.22 1.50
C TYR B 410 5.18 5.48 1.97
N GLN B 411 4.19 5.37 2.87
CA GLN B 411 3.52 6.53 3.41
C GLN B 411 4.24 7.13 4.62
N ASN B 412 5.30 6.47 5.10
CA ASN B 412 5.91 6.90 6.36
C ASN B 412 6.89 8.06 6.17
N GLN B 413 7.65 8.07 5.07
CA GLN B 413 8.81 8.98 4.93
C GLN B 413 8.38 10.33 4.36
N PRO B 414 8.63 11.44 5.05
CA PRO B 414 8.28 12.75 4.53
C PRO B 414 9.36 13.36 3.67
N TYR B 415 8.95 14.22 2.74
CA TYR B 415 9.89 14.93 1.89
C TYR B 415 10.49 16.12 2.64
N CYS B 416 11.80 16.30 2.48
CA CYS B 416 12.50 17.46 3.03
C CYS B 416 12.50 18.58 2.00
N LEU B 417 11.30 19.13 1.78
CA LEU B 417 11.08 20.24 0.85
C LEU B 417 10.15 21.24 1.53
N ARG B 418 10.39 22.52 1.30
CA ARG B 418 9.60 23.58 1.91
C ARG B 418 8.36 23.86 1.07
N VAL B 419 7.21 23.98 1.74
CA VAL B 419 5.97 24.35 1.04
C VAL B 419 6.04 25.82 0.66
N GLU B 420 5.60 26.13 -0.56
CA GLU B 420 5.32 27.51 -0.97
C GLU B 420 3.80 27.62 -1.08
N SER B 421 3.18 28.37 -0.15
N SER B 421 3.18 28.36 -0.14
CA SER B 421 1.73 28.31 0.00
CA SER B 421 1.73 28.29 0.00
C SER B 421 1.00 28.80 -1.25
C SER B 421 0.99 28.80 -1.25
N ASP B 422 1.54 29.81 -1.93
CA ASP B 422 0.89 30.31 -3.14
C ASP B 422 1.01 29.33 -4.30
N ILE B 423 2.18 28.73 -4.50
CA ILE B 423 2.32 27.73 -5.56
C ILE B 423 1.44 26.51 -5.26
N LYS B 424 1.42 26.09 -4.00
N LYS B 424 1.42 26.09 -4.00
CA LYS B 424 0.55 24.99 -3.58
CA LYS B 424 0.55 25.00 -3.58
C LYS B 424 -0.91 25.29 -3.92
C LYS B 424 -0.91 25.29 -3.92
N ARG B 425 -1.37 26.50 -3.58
CA ARG B 425 -2.77 26.86 -3.86
C ARG B 425 -3.04 26.87 -5.36
N PHE B 426 -2.07 27.36 -6.15
CA PHE B 426 -2.22 27.36 -7.60
C PHE B 426 -2.47 25.96 -8.13
N PHE B 427 -1.70 24.97 -7.68
CA PHE B 427 -1.90 23.61 -8.18
C PHE B 427 -3.09 22.93 -7.52
N GLU B 428 -3.44 23.30 -6.29
CA GLU B 428 -4.67 22.75 -5.70
C GLU B 428 -5.90 23.21 -6.46
N ASN B 429 -5.88 24.42 -7.00
CA ASN B 429 -7.06 24.99 -7.65
C ASN B 429 -7.05 24.80 -9.15
N LEU B 430 -6.04 24.12 -9.70
CA LEU B 430 -5.97 23.84 -11.13
C LEU B 430 -7.23 23.13 -11.60
N ASN B 431 -7.82 23.64 -12.69
CA ASN B 431 -9.11 23.11 -13.18
C ASN B 431 -9.14 23.24 -14.69
N PRO B 432 -8.34 22.44 -15.41
CA PRO B 432 -8.24 22.62 -16.87
C PRO B 432 -9.55 22.43 -17.61
N MET B 433 -10.45 21.57 -17.10
CA MET B 433 -11.71 21.32 -17.80
C MET B 433 -12.74 22.42 -17.59
N GLY B 434 -12.56 23.29 -16.59
CA GLY B 434 -13.55 24.35 -16.38
C GLY B 434 -14.90 23.75 -16.06
N ASN B 435 -15.95 24.30 -16.65
CA ASN B 435 -17.29 23.74 -16.48
C ASN B 435 -17.63 22.66 -17.50
N SER B 436 -16.68 22.29 -18.36
CA SER B 436 -16.97 21.33 -19.41
C SER B 436 -17.00 19.91 -18.88
N MET B 437 -17.86 19.09 -19.48
CA MET B 437 -17.82 17.67 -19.20
C MET B 437 -16.61 17.01 -19.87
N GLU B 438 -16.27 15.82 -19.39
CA GLU B 438 -15.03 15.15 -19.83
C GLU B 438 -15.02 14.94 -21.34
N LYS B 439 -16.10 14.39 -21.91
CA LYS B 439 -16.09 14.09 -23.34
C LYS B 439 -15.93 15.36 -24.17
N GLU B 440 -16.71 16.39 -23.85
CA GLU B 440 -16.60 17.65 -24.58
C GLU B 440 -15.19 18.21 -24.48
N PHE B 441 -14.57 18.11 -23.29
CA PHE B 441 -13.23 18.67 -23.12
C PHE B 441 -12.18 17.86 -23.88
N THR B 442 -12.23 16.53 -23.80
CA THR B 442 -11.19 15.79 -24.52
C THR B 442 -11.41 15.84 -26.03
N ASP B 443 -12.66 15.97 -26.49
CA ASP B 443 -12.88 16.28 -27.90
C ASP B 443 -12.29 17.63 -28.26
N TYR B 444 -12.45 18.62 -27.39
CA TYR B 444 -11.86 19.94 -27.65
C TYR B 444 -10.35 19.85 -27.78
N LEU B 445 -9.69 19.09 -26.91
CA LEU B 445 -8.22 18.97 -26.98
C LEU B 445 -7.80 18.32 -28.29
N PHE B 446 -8.51 17.27 -28.72
CA PHE B 446 -8.16 16.61 -29.97
C PHE B 446 -8.40 17.51 -31.17
N ASN B 447 -9.51 18.26 -31.16
CA ASN B 447 -9.74 19.18 -32.27
C ASN B 447 -8.72 20.31 -32.29
N LYS B 448 -8.25 20.76 -31.12
N LYS B 448 -8.24 20.73 -31.12
CA LYS B 448 -7.14 21.73 -31.13
CA LYS B 448 -7.16 21.71 -31.08
C LYS B 448 -5.90 21.13 -31.74
C LYS B 448 -5.89 21.13 -31.69
N SER B 449 -5.60 19.87 -31.41
CA SER B 449 -4.46 19.18 -32.01
C SER B 449 -4.57 19.18 -33.53
N LEU B 450 -5.76 18.85 -34.06
CA LEU B 450 -5.95 18.85 -35.50
C LEU B 450 -5.82 20.25 -36.09
N GLU B 451 -6.19 21.28 -35.32
CA GLU B 451 -6.05 22.65 -35.82
C GLU B 451 -4.59 23.05 -35.97
N ILE B 452 -3.78 22.78 -34.95
CA ILE B 452 -2.41 23.28 -34.93
C ILE B 452 -1.48 22.44 -35.79
N GLU B 453 -1.78 21.15 -36.00
CA GLU B 453 -1.00 20.31 -36.90
C GLU B 453 -1.98 19.43 -37.68
N PRO B 454 -2.52 19.95 -38.77
CA PRO B 454 -3.54 19.20 -39.52
C PRO B 454 -3.01 17.88 -40.07
N ARG B 455 -3.92 16.93 -40.27
N ARG B 455 -3.92 16.93 -40.27
CA ARG B 455 -3.58 15.66 -40.89
CA ARG B 455 -3.58 15.65 -40.89
C ARG B 455 -3.05 15.87 -42.31
C ARG B 455 -3.07 15.84 -42.31
N ASN B 456 -2.02 15.12 -42.66
CA ASN B 456 -1.54 15.14 -44.03
C ASN B 456 -2.66 14.72 -44.98
N PRO B 457 -2.75 15.29 -46.19
CA PRO B 457 -1.80 16.24 -46.80
C PRO B 457 -2.17 17.72 -46.62
N LYS B 458 -3.00 18.03 -45.64
CA LYS B 458 -3.32 19.43 -45.38
C LYS B 458 -2.05 20.17 -44.96
N PRO B 459 -1.82 21.38 -45.47
CA PRO B 459 -0.58 22.10 -45.14
C PRO B 459 -0.55 22.53 -43.68
N LEU B 460 0.67 22.67 -43.17
CA LEU B 460 0.87 23.13 -41.80
C LEU B 460 0.71 24.64 -41.76
N PRO B 461 -0.25 25.17 -41.01
CA PRO B 461 -0.40 26.62 -40.88
C PRO B 461 0.64 27.22 -39.95
N ARG B 462 0.73 28.54 -39.98
CA ARG B 462 1.53 29.32 -39.04
C ARG B 462 0.58 30.01 -38.08
N PHE B 463 1.05 30.25 -36.86
CA PHE B 463 0.22 30.87 -35.82
C PHE B 463 1.04 31.92 -35.08
N PRO B 464 0.39 32.97 -34.59
CA PRO B 464 1.12 34.01 -33.84
C PRO B 464 1.52 33.56 -32.45
N LYS B 465 2.60 34.17 -31.95
CA LYS B 465 3.03 33.92 -30.58
C LYS B 465 1.99 34.41 -29.58
N LYS B 466 1.88 33.71 -28.45
CA LYS B 466 0.97 34.12 -27.38
C LYS B 466 1.68 34.54 -26.10
N TYR B 467 2.96 34.23 -25.93
CA TYR B 467 3.69 34.55 -24.70
C TYR B 467 4.56 35.78 -24.92
N SER B 468 4.48 36.74 -24.01
CA SER B 468 5.27 37.97 -24.15
C SER B 468 6.57 37.93 -23.37
N TYR B 469 6.81 36.89 -22.60
CA TYR B 469 7.98 36.77 -21.76
C TYR B 469 8.98 35.77 -22.34
N PRO B 470 10.23 35.76 -21.88
CA PRO B 470 11.23 34.85 -22.47
C PRO B 470 10.82 33.39 -22.29
N LEU B 471 11.06 32.60 -23.34
CA LEU B 471 10.76 31.17 -23.34
C LEU B 471 11.92 30.31 -22.86
N LYS B 472 13.11 30.89 -22.71
CA LYS B 472 14.27 30.09 -22.33
C LYS B 472 14.11 29.54 -20.92
N SER B 473 14.32 28.24 -20.77
CA SER B 473 14.19 27.64 -19.46
C SER B 473 15.37 28.03 -18.56
N PRO B 474 15.14 28.23 -17.26
CA PRO B 474 16.27 28.39 -16.34
C PRO B 474 16.98 27.08 -16.03
N GLY B 475 16.48 25.94 -16.54
CA GLY B 475 17.09 24.64 -16.29
C GLY B 475 16.63 24.03 -14.99
N VAL B 476 17.06 22.79 -14.75
CA VAL B 476 16.60 22.04 -13.58
C VAL B 476 17.73 21.70 -12.62
N ARG B 477 18.88 22.33 -12.75
CA ARG B 477 19.86 22.15 -11.68
C ARG B 477 19.70 23.26 -10.63
N PRO B 478 19.65 22.94 -9.35
CA PRO B 478 19.32 23.95 -8.34
C PRO B 478 20.46 24.92 -8.11
N SER B 479 20.10 26.10 -7.61
CA SER B 479 21.03 27.16 -7.27
C SER B 479 21.12 27.26 -5.75
N ASN B 480 22.19 27.88 -5.26
CA ASN B 480 22.41 27.99 -3.82
C ASN B 480 23.23 29.24 -3.50
N PRO B 481 22.56 30.36 -3.23
CA PRO B 481 23.25 31.50 -2.63
C PRO B 481 23.58 31.22 -1.17
N ARG B 482 24.43 32.07 -0.60
CA ARG B 482 24.82 31.91 0.80
C ARG B 482 23.63 32.18 1.72
N GLY C 1 9.59 -16.85 -32.41
CA GLY C 1 8.91 -18.10 -32.69
C GLY C 1 7.42 -17.94 -32.95
N MET C 2 6.62 -18.13 -31.91
CA MET C 2 5.18 -18.03 -32.04
C MET C 2 4.71 -16.59 -31.89
N THR C 3 3.58 -16.30 -32.51
CA THR C 3 3.03 -14.95 -32.49
C THR C 3 2.50 -14.61 -31.10
N GLU C 4 2.76 -13.38 -30.66
CA GLU C 4 2.20 -12.85 -29.43
C GLU C 4 1.17 -11.78 -29.77
N TYR C 5 -0.02 -11.90 -29.20
CA TYR C 5 -1.09 -10.94 -29.40
C TYR C 5 -1.27 -10.11 -28.13
N LYS C 6 -1.21 -8.79 -28.27
CA LYS C 6 -1.40 -7.88 -27.15
C LYS C 6 -2.86 -7.46 -27.14
N LEU C 7 -3.60 -7.96 -26.16
CA LEU C 7 -5.04 -7.72 -26.04
C LEU C 7 -5.28 -6.77 -24.88
N VAL C 8 -6.25 -5.88 -25.03
CA VAL C 8 -6.59 -4.90 -23.99
C VAL C 8 -8.06 -5.03 -23.66
N VAL C 9 -8.38 -5.14 -22.38
CA VAL C 9 -9.76 -5.19 -21.89
C VAL C 9 -10.15 -3.79 -21.44
N VAL C 10 -11.29 -3.29 -21.94
CA VAL C 10 -11.76 -1.96 -21.55
C VAL C 10 -13.22 -2.07 -21.15
N GLY C 11 -13.67 -1.15 -20.31
CA GLY C 11 -15.09 -1.14 -19.93
C GLY C 11 -15.28 -0.52 -18.57
N ALA C 12 -16.56 -0.31 -18.24
CA ALA C 12 -16.90 0.35 -16.98
C ALA C 12 -16.41 -0.43 -15.78
N GLY C 13 -16.08 0.29 -14.70
CA GLY C 13 -15.67 -0.37 -13.46
C GLY C 13 -16.85 -0.78 -12.58
N GLY C 14 -16.53 -1.52 -11.53
CA GLY C 14 -17.49 -1.85 -10.50
C GLY C 14 -18.54 -2.87 -10.87
N VAL C 15 -18.40 -3.52 -12.03
CA VAL C 15 -19.45 -4.45 -12.48
C VAL C 15 -18.83 -5.76 -12.96
N GLY C 16 -17.71 -6.17 -12.36
CA GLY C 16 -17.20 -7.53 -12.57
C GLY C 16 -16.38 -7.77 -13.81
N LYS C 17 -15.95 -6.71 -14.51
CA LYS C 17 -15.14 -6.83 -15.72
C LYS C 17 -13.92 -7.72 -15.53
N SER C 18 -13.27 -7.66 -14.36
CA SER C 18 -12.02 -8.39 -14.14
C SER C 18 -12.19 -9.91 -14.21
N ALA C 19 -13.41 -10.42 -14.05
CA ALA C 19 -13.63 -11.86 -14.03
C ALA C 19 -13.31 -12.51 -15.38
N LEU C 20 -13.41 -11.74 -16.46
CA LEU C 20 -13.13 -12.27 -17.79
C LEU C 20 -11.71 -12.81 -17.89
N THR C 21 -10.72 -11.95 -17.59
CA THR C 21 -9.34 -12.35 -17.75
C THR C 21 -8.91 -13.32 -16.65
N ILE C 22 -9.39 -13.11 -15.41
CA ILE C 22 -9.08 -14.02 -14.33
C ILE C 22 -9.52 -15.44 -14.68
N GLN C 23 -10.75 -15.59 -15.18
CA GLN C 23 -11.22 -16.93 -15.47
C GLN C 23 -10.46 -17.56 -16.64
N LEU C 24 -10.06 -16.75 -17.61
CA LEU C 24 -9.29 -17.27 -18.73
C LEU C 24 -7.94 -17.78 -18.27
N ILE C 25 -7.14 -16.88 -17.70
CA ILE C 25 -5.73 -17.13 -17.38
C ILE C 25 -5.61 -18.02 -16.17
N GLN C 26 -6.68 -18.15 -15.40
CA GLN C 26 -6.67 -18.95 -14.18
C GLN C 26 -6.19 -20.35 -14.48
N ASN C 27 -5.66 -21.01 -13.47
CA ASN C 27 -5.88 -22.44 -13.37
C ASN C 27 -7.38 -22.58 -13.56
N HIS C 28 -7.82 -22.99 -14.76
CA HIS C 28 -9.25 -23.08 -15.05
C HIS C 28 -9.98 -23.76 -13.89
N PHE C 29 -9.42 -24.86 -13.40
CA PHE C 29 -10.09 -25.75 -12.45
C PHE C 29 -9.64 -25.55 -11.00
N VAL C 30 -8.86 -24.52 -10.69
CA VAL C 30 -8.67 -24.14 -9.30
C VAL C 30 -8.98 -22.65 -9.19
N ASP C 31 -10.04 -22.32 -8.46
CA ASP C 31 -10.48 -20.94 -8.33
C ASP C 31 -9.54 -20.23 -7.34
N GLU C 32 -8.44 -19.73 -7.89
CA GLU C 32 -7.38 -19.08 -7.12
C GLU C 32 -6.64 -18.10 -8.02
N TYR C 33 -5.94 -17.13 -7.41
CA TYR C 33 -5.27 -16.10 -8.19
C TYR C 33 -4.28 -15.26 -7.36
N ASP C 34 -3.07 -15.07 -7.89
CA ASP C 34 -2.18 -14.01 -7.42
C ASP C 34 -1.86 -13.11 -8.60
N PRO C 35 -2.46 -11.92 -8.70
CA PRO C 35 -2.22 -11.06 -9.88
C PRO C 35 -0.85 -10.42 -9.86
N THR C 36 -0.16 -10.44 -8.72
CA THR C 36 1.17 -9.85 -8.65
C THR C 36 2.22 -10.74 -9.31
N ILE C 37 1.86 -11.99 -9.62
CA ILE C 37 2.83 -12.96 -10.11
C ILE C 37 3.17 -12.63 -11.56
N GLU C 38 4.45 -12.39 -11.81
CA GLU C 38 4.97 -12.19 -13.16
C GLU C 38 4.34 -13.17 -14.12
N ASP C 39 3.72 -12.63 -15.17
CA ASP C 39 3.04 -13.43 -16.19
C ASP C 39 1.81 -14.15 -15.62
N SER C 40 1.05 -13.47 -14.78
N SER C 40 1.05 -13.47 -14.78
CA SER C 40 -0.32 -13.85 -14.47
CA SER C 40 -0.32 -13.86 -14.47
C SER C 40 -1.30 -13.33 -15.51
C SER C 40 -1.29 -13.34 -15.52
N TYR C 41 -0.77 -12.79 -16.61
CA TYR C 41 -1.55 -12.17 -17.67
C TYR C 41 -1.03 -12.62 -19.02
N ARG C 42 -0.25 -13.69 -19.05
CA ARG C 42 0.26 -14.28 -20.28
C ARG C 42 -0.17 -15.74 -20.33
N LYS C 43 -0.66 -16.17 -21.50
CA LYS C 43 -1.17 -17.53 -21.62
C LYS C 43 -0.93 -18.03 -23.03
N GLN C 44 -0.28 -19.18 -23.13
CA GLN C 44 -0.09 -19.84 -24.41
C GLN C 44 -1.33 -20.67 -24.72
N VAL C 45 -1.88 -20.49 -25.93
CA VAL C 45 -3.11 -21.15 -26.34
C VAL C 45 -2.95 -21.64 -27.77
N VAL C 46 -3.85 -22.55 -28.17
CA VAL C 46 -3.92 -23.05 -29.53
C VAL C 46 -5.29 -22.65 -30.09
N ILE C 47 -5.28 -21.81 -31.12
CA ILE C 47 -6.50 -21.29 -31.73
C ILE C 47 -6.50 -21.71 -33.19
N ASP C 48 -7.50 -22.51 -33.57
CA ASP C 48 -7.60 -23.06 -34.92
C ASP C 48 -6.30 -23.77 -35.32
N GLY C 49 -5.74 -24.52 -34.38
CA GLY C 49 -4.55 -25.31 -34.64
C GLY C 49 -3.25 -24.54 -34.69
N GLU C 50 -3.26 -23.25 -34.35
CA GLU C 50 -2.06 -22.42 -34.41
C GLU C 50 -1.75 -21.92 -33.01
N THR C 51 -0.58 -22.29 -32.50
CA THR C 51 -0.19 -21.91 -31.14
C THR C 51 0.25 -20.45 -31.11
N CYS C 52 -0.19 -19.74 -30.07
CA CYS C 52 0.20 -18.35 -29.91
C CYS C 52 0.21 -18.01 -28.43
N LEU C 53 0.72 -16.82 -28.13
CA LEU C 53 0.84 -16.30 -26.78
C LEU C 53 -0.07 -15.09 -26.64
N LEU C 54 -0.97 -15.12 -25.67
CA LEU C 54 -1.84 -13.99 -25.38
C LEU C 54 -1.23 -13.19 -24.23
N ASP C 55 -1.04 -11.90 -24.45
CA ASP C 55 -0.61 -10.96 -23.42
C ASP C 55 -1.80 -10.03 -23.18
N ILE C 56 -2.40 -10.10 -22.00
CA ILE C 56 -3.67 -9.44 -21.74
C ILE C 56 -3.45 -8.32 -20.75
N LEU C 57 -3.83 -7.11 -21.13
CA LEU C 57 -3.82 -5.96 -20.24
C LEU C 57 -5.24 -5.70 -19.76
N ASP C 58 -5.44 -5.81 -18.45
CA ASP C 58 -6.72 -5.50 -17.83
C ASP C 58 -6.41 -4.60 -16.64
N THR C 59 -6.70 -3.31 -16.78
CA THR C 59 -6.42 -2.35 -15.71
C THR C 59 -7.60 -2.15 -14.79
N ALA C 60 -8.47 -3.16 -14.68
CA ALA C 60 -9.62 -3.08 -13.79
C ALA C 60 -9.23 -2.49 -12.44
N GLY C 61 -10.04 -1.54 -11.98
CA GLY C 61 -9.77 -0.81 -10.76
C GLY C 61 -9.18 0.57 -10.97
N GLN C 62 -8.63 0.84 -12.15
CA GLN C 62 -8.01 2.12 -12.48
C GLN C 62 -8.91 3.01 -13.32
N GLU C 63 -10.21 2.74 -13.33
CA GLU C 63 -11.10 3.47 -14.23
C GLU C 63 -11.12 4.97 -13.95
N GLU C 64 -10.88 5.37 -12.69
CA GLU C 64 -10.91 6.80 -12.39
C GLU C 64 -9.70 7.54 -12.97
N TYR C 65 -8.61 6.84 -13.30
CA TYR C 65 -7.49 7.44 -14.03
C TYR C 65 -7.86 7.61 -15.51
N SER C 66 -8.83 8.49 -15.76
CA SER C 66 -9.39 8.55 -17.10
C SER C 66 -8.42 9.12 -18.13
N ALA C 67 -7.44 9.92 -17.69
CA ALA C 67 -6.49 10.46 -18.66
C ALA C 67 -5.37 9.47 -18.98
N MET C 68 -5.37 8.29 -18.38
CA MET C 68 -4.43 7.23 -18.73
C MET C 68 -4.98 6.26 -19.76
N ARG C 69 -6.24 6.41 -20.16
CA ARG C 69 -6.82 5.45 -21.10
C ARG C 69 -6.00 5.37 -22.38
N ASP C 70 -5.57 6.50 -22.93
CA ASP C 70 -4.79 6.46 -24.17
C ASP C 70 -3.48 5.70 -23.96
N GLN C 71 -2.76 6.04 -22.89
CA GLN C 71 -1.51 5.37 -22.54
C GLN C 71 -1.68 3.85 -22.47
N TYR C 72 -2.77 3.38 -21.87
CA TYR C 72 -2.99 1.93 -21.79
C TYR C 72 -3.44 1.36 -23.13
N MET C 73 -4.37 2.03 -23.82
CA MET C 73 -4.94 1.48 -25.05
C MET C 73 -3.91 1.42 -26.16
N ARG C 74 -2.95 2.36 -26.16
CA ARG C 74 -1.96 2.39 -27.22
C ARG C 74 -1.16 1.09 -27.28
N THR C 75 -1.07 0.35 -26.17
CA THR C 75 -0.30 -0.89 -26.16
C THR C 75 -0.96 -2.01 -26.96
N GLY C 76 -2.23 -1.90 -27.30
CA GLY C 76 -3.00 -3.05 -27.73
C GLY C 76 -3.15 -3.21 -29.23
N GLU C 77 -3.24 -4.47 -29.68
CA GLU C 77 -3.59 -4.80 -31.06
C GLU C 77 -5.06 -5.13 -31.24
N GLY C 78 -5.71 -5.63 -30.20
CA GLY C 78 -7.13 -5.95 -30.26
C GLY C 78 -7.73 -5.67 -28.91
N PHE C 79 -9.04 -5.40 -28.90
CA PHE C 79 -9.72 -4.87 -27.72
C PHE C 79 -10.98 -5.66 -27.41
N LEU C 80 -11.16 -5.98 -26.13
CA LEU C 80 -12.44 -6.50 -25.63
C LEU C 80 -13.16 -5.35 -24.96
N CYS C 81 -14.30 -4.94 -25.52
CA CYS C 81 -15.10 -3.87 -24.92
C CYS C 81 -16.20 -4.55 -24.11
N VAL C 82 -16.13 -4.42 -22.79
CA VAL C 82 -16.93 -5.22 -21.86
C VAL C 82 -17.96 -4.33 -21.18
N PHE C 83 -19.21 -4.79 -21.14
CA PHE C 83 -20.23 -4.17 -20.30
C PHE C 83 -20.92 -5.27 -19.51
N ALA C 84 -21.64 -4.88 -18.47
CA ALA C 84 -22.38 -5.82 -17.63
C ALA C 84 -23.83 -5.85 -18.08
N ILE C 85 -24.39 -7.05 -18.21
CA ILE C 85 -25.75 -7.16 -18.75
C ILE C 85 -26.81 -6.67 -17.77
N ASN C 86 -26.45 -6.42 -16.51
CA ASN C 86 -27.39 -5.83 -15.58
C ASN C 86 -27.06 -4.37 -15.28
N ASN C 87 -26.27 -3.70 -16.12
CA ASN C 87 -25.92 -2.30 -15.88
C ASN C 87 -26.02 -1.55 -17.21
N THR C 88 -27.16 -0.90 -17.43
N THR C 88 -27.16 -0.89 -17.43
CA THR C 88 -27.40 -0.22 -18.70
CA THR C 88 -27.38 -0.23 -18.72
C THR C 88 -26.36 0.87 -18.96
C THR C 88 -26.38 0.91 -18.95
N LYS C 89 -25.95 1.61 -17.92
N LYS C 89 -25.94 1.59 -17.90
CA LYS C 89 -24.96 2.65 -18.14
CA LYS C 89 -24.95 2.65 -18.09
C LYS C 89 -23.67 2.10 -18.72
C LYS C 89 -23.66 2.12 -18.69
N SER C 90 -23.21 0.94 -18.24
CA SER C 90 -21.99 0.35 -18.78
C SER C 90 -22.14 0.01 -20.25
N PHE C 91 -23.36 -0.35 -20.67
CA PHE C 91 -23.63 -0.61 -22.08
C PHE C 91 -23.62 0.67 -22.88
N GLU C 92 -24.22 1.73 -22.33
CA GLU C 92 -24.19 3.03 -23.00
C GLU C 92 -22.79 3.62 -23.10
N ASP C 93 -21.87 3.25 -22.19
CA ASP C 93 -20.48 3.71 -22.27
C ASP C 93 -19.73 3.13 -23.47
N ILE C 94 -20.23 2.05 -24.07
CA ILE C 94 -19.44 1.34 -25.07
C ILE C 94 -19.09 2.24 -26.24
N HIS C 95 -20.05 3.05 -26.70
CA HIS C 95 -19.80 3.90 -27.87
C HIS C 95 -18.56 4.75 -27.67
N GLN C 96 -18.41 5.36 -26.48
CA GLN C 96 -17.27 6.25 -26.27
C GLN C 96 -15.96 5.46 -26.14
N TYR C 97 -15.99 4.27 -25.53
CA TYR C 97 -14.79 3.44 -25.53
C TYR C 97 -14.33 3.14 -26.95
N ARG C 98 -15.27 2.74 -27.81
N ARG C 98 -15.27 2.74 -27.81
CA ARG C 98 -14.91 2.43 -29.19
CA ARG C 98 -14.93 2.44 -29.19
C ARG C 98 -14.37 3.65 -29.91
C ARG C 98 -14.37 3.65 -29.91
N GLU C 99 -14.99 4.82 -29.72
CA GLU C 99 -14.48 6.03 -30.35
C GLU C 99 -13.07 6.36 -29.85
N GLN C 100 -12.81 6.12 -28.57
CA GLN C 100 -11.49 6.43 -28.04
C GLN C 100 -10.43 5.47 -28.59
N ILE C 101 -10.79 4.19 -28.76
CA ILE C 101 -9.88 3.22 -29.36
C ILE C 101 -9.57 3.60 -30.80
N LYS C 102 -10.60 3.97 -31.58
CA LYS C 102 -10.36 4.37 -32.96
C LYS C 102 -9.40 5.54 -33.02
N ARG C 103 -9.52 6.48 -32.09
CA ARG C 103 -8.66 7.65 -32.09
C ARG C 103 -7.22 7.30 -31.73
N VAL C 104 -7.02 6.47 -30.70
N VAL C 104 -7.04 6.49 -30.68
CA VAL C 104 -5.65 6.15 -30.28
CA VAL C 104 -5.68 6.11 -30.26
C VAL C 104 -4.95 5.29 -31.33
C VAL C 104 -4.98 5.34 -31.36
N LYS C 105 -5.68 4.40 -32.00
CA LYS C 105 -5.09 3.57 -33.03
C LYS C 105 -5.06 4.26 -34.39
N ASP C 106 -5.70 5.43 -34.50
CA ASP C 106 -5.80 6.19 -35.75
C ASP C 106 -6.32 5.30 -36.88
N SER C 107 -7.42 4.60 -36.60
CA SER C 107 -7.99 3.67 -37.57
C SER C 107 -9.48 3.51 -37.32
N ASP C 108 -10.24 3.40 -38.41
CA ASP C 108 -11.66 3.11 -38.30
C ASP C 108 -11.96 1.63 -38.20
N ASP C 109 -10.95 0.77 -38.34
CA ASP C 109 -11.13 -0.67 -38.40
C ASP C 109 -10.11 -1.33 -37.47
N VAL C 110 -10.37 -1.22 -36.17
CA VAL C 110 -9.52 -1.81 -35.14
C VAL C 110 -10.13 -3.15 -34.71
N PRO C 111 -9.34 -4.22 -34.63
CA PRO C 111 -9.90 -5.51 -34.15
C PRO C 111 -10.48 -5.37 -32.76
N MET C 112 -11.77 -5.70 -32.64
CA MET C 112 -12.42 -5.58 -31.34
C MET C 112 -13.65 -6.47 -31.28
N VAL C 113 -14.02 -6.84 -30.06
N VAL C 113 -14.07 -6.73 -30.06
CA VAL C 113 -15.22 -7.62 -29.83
CA VAL C 113 -15.18 -7.63 -29.76
C VAL C 113 -16.01 -6.93 -28.72
C VAL C 113 -16.00 -6.99 -28.66
N LEU C 114 -17.32 -7.07 -28.78
CA LEU C 114 -18.22 -6.58 -27.75
C LEU C 114 -18.54 -7.77 -26.83
N VAL C 115 -18.40 -7.57 -25.52
CA VAL C 115 -18.61 -8.64 -24.55
C VAL C 115 -19.65 -8.21 -23.52
N GLY C 116 -20.72 -8.95 -23.41
CA GLY C 116 -21.73 -8.74 -22.37
C GLY C 116 -21.48 -9.73 -21.27
N ASN C 117 -21.22 -9.24 -20.06
CA ASN C 117 -20.74 -10.04 -18.94
C ASN C 117 -21.86 -10.16 -17.90
N LYS C 118 -22.16 -11.41 -17.51
N LYS C 118 -22.18 -11.40 -17.53
CA LYS C 118 -23.14 -11.68 -16.45
CA LYS C 118 -23.14 -11.64 -16.46
C LYS C 118 -22.36 -11.82 -15.14
C LYS C 118 -22.35 -11.80 -15.16
N CYS C 119 -22.42 -10.79 -14.29
CA CYS C 119 -21.58 -10.74 -13.11
C CYS C 119 -22.30 -11.11 -11.82
N ASP C 120 -23.62 -11.22 -11.83
CA ASP C 120 -24.34 -11.72 -10.66
C ASP C 120 -25.74 -12.16 -11.11
N LEU C 121 -26.57 -12.50 -10.13
CA LEU C 121 -27.93 -12.95 -10.40
C LEU C 121 -28.94 -11.81 -10.40
N ALA C 122 -28.50 -10.57 -10.25
CA ALA C 122 -29.38 -9.43 -10.40
C ALA C 122 -30.01 -9.41 -11.78
N ALA C 123 -31.14 -8.73 -11.89
CA ALA C 123 -31.95 -8.82 -13.10
C ALA C 123 -31.21 -8.23 -14.29
N ARG C 124 -31.21 -8.96 -15.41
CA ARG C 124 -30.66 -8.44 -16.65
C ARG C 124 -31.44 -7.22 -17.10
N THR C 125 -30.72 -6.15 -17.51
CA THR C 125 -31.36 -4.97 -18.06
C THR C 125 -30.98 -4.69 -19.50
N VAL C 126 -29.95 -5.34 -20.03
CA VAL C 126 -29.59 -5.22 -21.43
C VAL C 126 -29.90 -6.55 -22.10
N GLU C 127 -30.88 -6.57 -22.99
CA GLU C 127 -31.23 -7.81 -23.66
C GLU C 127 -30.22 -8.14 -24.74
N SER C 128 -30.06 -9.45 -25.00
N SER C 128 -30.05 -9.43 -25.01
CA SER C 128 -29.14 -9.94 -26.02
CA SER C 128 -29.07 -9.84 -26.00
C SER C 128 -29.36 -9.25 -27.36
C SER C 128 -29.34 -9.20 -27.36
N ARG C 129 -30.62 -9.04 -27.73
CA ARG C 129 -30.94 -8.43 -29.02
C ARG C 129 -30.42 -7.00 -29.11
N GLN C 130 -30.51 -6.23 -28.02
CA GLN C 130 -29.96 -4.87 -28.02
C GLN C 130 -28.47 -4.89 -28.29
N ALA C 131 -27.74 -5.80 -27.63
CA ALA C 131 -26.30 -5.86 -27.77
C ALA C 131 -25.90 -6.39 -29.15
N GLN C 132 -26.62 -7.41 -29.64
N GLN C 132 -26.64 -7.37 -29.66
CA GLN C 132 -26.38 -7.89 -31.00
CA GLN C 132 -26.33 -7.85 -31.01
C GLN C 132 -26.57 -6.77 -32.02
C GLN C 132 -26.58 -6.77 -32.05
N ASP C 133 -27.64 -5.97 -31.85
CA ASP C 133 -27.87 -4.86 -32.78
C ASP C 133 -26.73 -3.84 -32.71
N LEU C 134 -26.26 -3.53 -31.50
CA LEU C 134 -25.14 -2.60 -31.38
C LEU C 134 -23.89 -3.15 -32.07
N ALA C 135 -23.54 -4.41 -31.79
CA ALA C 135 -22.36 -5.02 -32.40
C ALA C 135 -22.47 -5.03 -33.91
N ARG C 136 -23.66 -5.37 -34.44
CA ARG C 136 -23.83 -5.38 -35.88
C ARG C 136 -23.66 -3.98 -36.47
N SER C 137 -24.14 -2.96 -35.75
CA SER C 137 -24.00 -1.59 -36.27
C SER C 137 -22.53 -1.20 -36.36
N TYR C 138 -21.69 -1.77 -35.51
CA TYR C 138 -20.25 -1.54 -35.52
C TYR C 138 -19.49 -2.52 -36.42
N GLY C 139 -20.12 -3.60 -36.85
CA GLY C 139 -19.42 -4.59 -37.64
C GLY C 139 -18.47 -5.47 -36.85
N ILE C 140 -18.80 -5.76 -35.58
CA ILE C 140 -17.91 -6.55 -34.71
C ILE C 140 -18.71 -7.68 -34.09
N PRO C 141 -18.03 -8.74 -33.65
CA PRO C 141 -18.73 -9.86 -32.98
C PRO C 141 -19.24 -9.47 -31.61
N TYR C 142 -20.26 -10.22 -31.15
CA TYR C 142 -20.78 -10.09 -29.79
C TYR C 142 -20.69 -11.45 -29.11
N ILE C 143 -20.13 -11.48 -27.91
CA ILE C 143 -20.02 -12.68 -27.10
C ILE C 143 -20.56 -12.37 -25.71
N GLU C 144 -21.39 -13.27 -25.16
CA GLU C 144 -21.82 -13.14 -23.77
C GLU C 144 -21.07 -14.14 -22.90
N THR C 145 -20.73 -13.71 -21.69
CA THR C 145 -19.90 -14.50 -20.79
C THR C 145 -20.51 -14.51 -19.40
N SER C 146 -20.20 -15.57 -18.65
CA SER C 146 -20.55 -15.62 -17.24
C SER C 146 -19.30 -15.35 -16.39
N ALA C 147 -19.45 -14.51 -15.38
CA ALA C 147 -18.36 -14.23 -14.47
C ALA C 147 -18.16 -15.33 -13.43
N LYS C 148 -19.02 -16.35 -13.43
CA LYS C 148 -18.95 -17.40 -12.43
C LYS C 148 -18.69 -18.79 -12.98
N THR C 149 -19.18 -19.10 -14.18
CA THR C 149 -19.11 -20.46 -14.71
C THR C 149 -18.07 -20.63 -15.80
N ARG C 150 -17.38 -19.57 -16.18
CA ARG C 150 -16.41 -19.50 -17.27
C ARG C 150 -17.05 -19.65 -18.65
N GLN C 151 -18.37 -19.76 -18.75
CA GLN C 151 -18.99 -19.86 -20.06
C GLN C 151 -18.70 -18.61 -20.89
N GLY C 152 -18.37 -18.82 -22.16
CA GLY C 152 -18.13 -17.73 -23.08
C GLY C 152 -16.74 -17.13 -23.01
N VAL C 153 -15.96 -17.43 -21.96
CA VAL C 153 -14.70 -16.71 -21.76
C VAL C 153 -13.71 -17.03 -22.88
N GLU C 154 -13.50 -18.32 -23.15
N GLU C 154 -13.48 -18.32 -23.13
CA GLU C 154 -12.58 -18.68 -24.23
CA GLU C 154 -12.61 -18.70 -24.22
C GLU C 154 -13.07 -18.15 -25.57
C GLU C 154 -13.08 -18.11 -25.55
N ASP C 155 -14.39 -18.20 -25.81
CA ASP C 155 -14.94 -17.70 -27.07
C ASP C 155 -14.64 -16.20 -27.24
N ALA C 156 -14.72 -15.43 -26.15
CA ALA C 156 -14.47 -13.99 -26.27
C ALA C 156 -13.04 -13.73 -26.73
N PHE C 157 -12.06 -14.33 -26.06
CA PHE C 157 -10.67 -14.07 -26.41
C PHE C 157 -10.30 -14.69 -27.76
N TYR C 158 -10.75 -15.92 -28.02
CA TYR C 158 -10.41 -16.56 -29.30
C TYR C 158 -11.05 -15.83 -30.47
N THR C 159 -12.28 -15.35 -30.31
CA THR C 159 -12.91 -14.58 -31.37
C THR C 159 -12.12 -13.31 -31.67
N LEU C 160 -11.63 -12.64 -30.63
CA LEU C 160 -10.79 -11.46 -30.85
C LEU C 160 -9.51 -11.81 -31.60
N VAL C 161 -8.86 -12.92 -31.24
CA VAL C 161 -7.65 -13.30 -31.96
C VAL C 161 -7.97 -13.56 -33.43
N ARG C 162 -9.10 -14.22 -33.71
CA ARG C 162 -9.49 -14.42 -35.10
C ARG C 162 -9.73 -13.09 -35.81
N GLU C 163 -10.28 -12.09 -35.10
CA GLU C 163 -10.45 -10.77 -35.70
C GLU C 163 -9.11 -10.15 -36.07
N ILE C 164 -8.10 -10.31 -35.19
CA ILE C 164 -6.78 -9.80 -35.52
C ILE C 164 -6.20 -10.54 -36.72
N ARG C 165 -6.27 -11.89 -36.69
CA ARG C 165 -5.68 -12.68 -37.76
C ARG C 165 -6.30 -12.36 -39.11
N GLN C 166 -7.59 -12.03 -39.14
CA GLN C 166 -8.30 -11.78 -40.38
C GLN C 166 -8.39 -10.31 -40.74
N HIS C 167 -7.71 -9.44 -40.00
CA HIS C 167 -7.76 -8.01 -40.25
C HIS C 167 -7.23 -7.66 -41.64
PG GNP D . 7.90 0.50 26.83
O1G GNP D . 7.23 0.25 25.51
O2G GNP D . 6.92 0.51 27.99
O3G GNP D . 8.97 -0.49 27.16
N3B GNP D . 8.57 1.97 26.76
PB GNP D . 9.60 2.55 25.64
O1B GNP D . 9.08 2.22 24.30
O2B GNP D . 10.98 2.10 25.94
O3A GNP D . 9.63 4.08 25.80
PA GNP D . 8.87 5.17 24.99
O1A GNP D . 9.38 5.29 23.61
O2A GNP D . 7.40 5.02 25.20
O5' GNP D . 9.29 6.53 25.69
C5' GNP D . 9.06 6.74 27.09
C4' GNP D . 9.06 8.22 27.40
O4' GNP D . 10.40 8.74 27.21
C3' GNP D . 8.16 9.08 26.52
O3' GNP D . 7.59 10.13 27.29
C2' GNP D . 9.12 9.63 25.48
O2' GNP D . 8.68 10.87 24.93
C1' GNP D . 10.40 9.80 26.30
N9 GNP D . 11.59 9.69 25.45
C8 GNP D . 11.92 8.65 24.62
N7 GNP D . 13.07 8.83 23.99
C5 GNP D . 13.51 10.07 24.44
C6 GNP D . 14.68 10.81 24.11
O6 GNP D . 15.58 10.49 23.33
N1 GNP D . 14.74 12.04 24.79
C2 GNP D . 13.78 12.48 25.67
N2 GNP D . 13.99 13.68 26.25
N3 GNP D . 12.68 11.80 25.99
C4 GNP D . 12.60 10.61 25.34
MG MG E . 7.46 1.09 23.71
CL CL F . 5.45 0.45 8.94
N1 FVG G . 6.60 8.18 -29.48
N3 FVG G . 6.51 5.31 -30.03
C4 FVG G . 4.77 11.28 -28.63
C5 FVG G . 6.02 9.34 -29.82
C6 FVG G . 6.50 8.13 -28.07
C7 FVG G . 6.88 7.12 -27.19
C8 FVG G . 6.60 7.33 -25.82
C10 FVG G . 5.60 9.52 -26.24
C13 FVG G . 8.98 4.05 -27.39
C15 FVG G . 8.61 6.00 -28.77
C17 FVG G . 5.74 8.72 -32.16
C20 FVG G . 6.46 11.01 -31.59
C21 FVG G . 4.89 13.72 -28.91
C22 FVG G . 5.52 14.95 -28.77
C24 FVG G . 6.82 14.97 -28.24
N FVG G . 5.56 10.06 -28.73
C FVG G . 8.86 13.93 -27.26
C1 FVG G . 7.48 13.83 -27.85
C11 FVG G . 5.88 9.29 -27.59
C12 FVG G . 7.87 4.87 -26.68
C14 FVG G . 9.72 5.09 -28.22
C16 FVG G . 8.00 5.35 -30.03
C18 FVG G . 4.94 9.31 -33.33
C19 FVG G . 5.70 11.56 -32.81
C2 FVG G . 6.85 12.61 -28.00
C23 FVG G . 4.85 16.23 -29.12
C3 FVG G . 5.56 12.56 -28.52
C9 FVG G . 5.97 8.50 -25.40
F FVG G . 7.41 16.15 -28.14
N2 FVG G . 7.51 5.91 -27.70
N4 FVG G . 5.87 9.76 -31.12
N5 FVG G . 5.60 10.52 -33.85
CL FVG G . 5.50 8.70 -23.70
C FMT H . 2.57 -25.26 26.91
O1 FMT H . 1.46 -25.79 27.00
O2 FMT H . 2.75 -24.10 26.53
C FMT I . 11.75 38.52 -5.29
O1 FMT I . 11.15 38.97 -6.28
O2 FMT I . 12.42 37.50 -5.29
C FMT J . 3.66 -9.83 22.89
O1 FMT J . 2.67 -10.19 22.25
O2 FMT J . 4.49 -10.61 23.35
C FMT K . -3.97 -20.75 22.75
O1 FMT K . -3.68 -19.62 23.11
O2 FMT K . -3.17 -21.69 22.86
C FMT L . 2.96 38.74 -27.17
O1 FMT L . 3.66 37.97 -27.82
O2 FMT L . 1.77 38.58 -26.93
C1 GOL M . 14.68 19.06 -6.49
O1 GOL M . 14.63 19.49 -5.16
C2 GOL M . 16.04 19.39 -7.10
O2 GOL M . 17.05 19.01 -6.19
C3 GOL M . 16.21 18.57 -8.37
O3 GOL M . 16.54 19.41 -9.45
C1 GOL N . 6.00 16.09 4.60
O1 GOL N . 5.59 16.20 5.95
C2 GOL N . 4.77 15.74 3.78
O2 GOL N . 3.91 16.87 3.79
C3 GOL N . 5.14 15.38 2.34
O3 GOL N . 5.99 14.25 2.29
C1 GOL O . 10.48 8.62 -27.77
O1 GOL O . 10.06 9.80 -27.11
C2 GOL O . 11.00 8.98 -29.19
O2 GOL O . 12.41 9.14 -29.13
C3 GOL O . 10.76 7.86 -30.16
O3 GOL O . 10.22 8.23 -31.41
CL CL P . -6.23 25.72 -16.97
C FMT Q . 4.26 4.65 -27.49
O1 FMT Q . 4.62 4.05 -28.49
O2 FMT Q . 3.74 4.12 -26.51
CL CL R . -9.57 -23.54 -31.30
CL CL S . -3.37 -6.96 -16.88
NA NA T . -29.18 -1.06 -15.31
#